data_4J1O
#
_entry.id   4J1O
#
_cell.length_a   117.297
_cell.length_b   117.297
_cell.length_c   110.528
_cell.angle_alpha   90.00
_cell.angle_beta   90.00
_cell.angle_gamma   90.00
#
_symmetry.space_group_name_H-M   'P 4 21 2'
#
loop_
_entity.id
_entity.type
_entity.pdbx_description
1 polymer 'Mandelate racemase/muconate lactonizing enzyme, N-terminal domain protein'
2 non-polymer 'MAGNESIUM ION'
3 non-polymer 'IODIDE ION'
4 non-polymer GLYCEROL
5 non-polymer 1,1-DIMETHYL-PROLINIUM
6 water water
#
_entity_poly.entity_id   1
_entity_poly.type   'polypeptide(L)'
_entity_poly.pdbx_seq_one_letter_code
;MHHHHHHSSGVDLGTENLYFQSMKIAEIHVYAHDLPVKDGPYTIASSTVWSLQTTLVKIVADSGLAGWGETCPVGPTYAP
SHALGARAALAEMAPGLIGANPLQPLVLRRRMDGLLCGHNYAKAAIDIAAYDLMGKHYGVRVADLLGGVAAERVPSYYAT
GIGQPDEIARIAAEKVAEGFPRLQIKIGGRPVEIDIETVRKVWERIRGTGTRLAVDGNRSLPSRDALRLSRECPEIPFVL
EQPCNTLEEIAAIRGRVQHGIYLDESGEDLSTVIRAAGQGLCDGFGMKLTRIGGLQQMAAFRDICEARALPHSCDDAWGG
DIIAAACTHIGATVQPRLNEGVWVAQPYIAQPYDEENGIRIAGGHIDLPKGPGLGITPDESLFGPPVASFS
;
_entity_poly.pdbx_strand_id   A,B
#
# COMPACT_ATOMS: atom_id res chain seq x y z
N MET A 23 -18.44 -13.63 -8.68
CA MET A 23 -17.91 -14.94 -8.31
C MET A 23 -17.95 -15.14 -6.80
N LYS A 24 -18.05 -16.39 -6.35
CA LYS A 24 -18.18 -16.67 -4.92
C LYS A 24 -17.41 -17.91 -4.48
N ILE A 25 -16.88 -17.89 -3.25
CA ILE A 25 -16.28 -19.07 -2.65
C ILE A 25 -17.36 -20.10 -2.36
N ALA A 26 -17.21 -21.30 -2.93
CA ALA A 26 -18.13 -22.40 -2.70
C ALA A 26 -17.59 -23.38 -1.65
N GLU A 27 -16.29 -23.64 -1.68
CA GLU A 27 -15.67 -24.63 -0.79
C GLU A 27 -14.31 -24.16 -0.28
N ILE A 28 -13.95 -24.56 0.94
CA ILE A 28 -12.60 -24.35 1.45
C ILE A 28 -12.09 -25.67 2.01
N HIS A 29 -10.92 -26.11 1.56
CA HIS A 29 -10.34 -27.36 2.03
C HIS A 29 -8.98 -27.12 2.67
N VAL A 30 -8.77 -27.71 3.85
CA VAL A 30 -7.54 -27.54 4.61
C VAL A 30 -6.78 -28.86 4.61
N TYR A 31 -5.49 -28.80 4.30
CA TYR A 31 -4.65 -30.01 4.21
C TYR A 31 -3.48 -29.94 5.19
N ALA A 32 -3.07 -31.09 5.70
CA ALA A 32 -1.88 -31.19 6.55
C ALA A 32 -0.84 -32.04 5.82
N HIS A 33 0.41 -31.59 5.81
CA HIS A 33 1.45 -32.25 5.02
C HIS A 33 2.83 -32.07 5.68
N ASP A 34 3.65 -33.12 5.73
CA ASP A 34 4.94 -33.04 6.39
C ASP A 34 6.11 -32.69 5.45
N LEU A 35 7.06 -31.90 5.94
CA LEU A 35 8.25 -31.53 5.17
C LEU A 35 9.54 -31.81 5.93
N PRO A 36 10.10 -33.02 5.80
CA PRO A 36 11.37 -33.34 6.46
C PRO A 36 12.51 -32.43 5.98
N VAL A 37 13.34 -31.96 6.91
CA VAL A 37 14.47 -31.10 6.55
C VAL A 37 15.62 -31.94 6.01
N LYS A 38 15.96 -31.73 4.74
CA LYS A 38 17.09 -32.43 4.14
C LYS A 38 18.38 -32.10 4.87
N ASP A 39 19.10 -33.14 5.28
CA ASP A 39 20.33 -33.00 6.07
C ASP A 39 20.14 -32.12 7.30
N GLY A 40 19.03 -32.32 7.99
CA GLY A 40 18.68 -31.52 9.15
C GLY A 40 19.56 -31.80 10.36
N PRO A 41 19.32 -31.07 11.46
CA PRO A 41 18.26 -30.06 11.55
C PRO A 41 18.71 -28.67 11.07
N TYR A 42 17.76 -27.75 10.98
CA TYR A 42 18.08 -26.35 10.73
C TYR A 42 17.98 -25.60 12.05
N THR A 43 19.06 -24.95 12.46
CA THR A 43 19.16 -24.37 13.79
C THR A 43 19.12 -22.85 13.80
N ILE A 44 18.00 -22.32 14.29
CA ILE A 44 17.83 -20.89 14.52
C ILE A 44 17.95 -20.71 16.03
N ALA A 45 18.43 -19.55 16.49
CA ALA A 45 18.62 -19.33 17.92
C ALA A 45 17.32 -19.51 18.71
N SER A 46 16.19 -19.31 18.03
CA SER A 46 14.89 -19.39 18.68
C SER A 46 14.13 -20.68 18.35
N SER A 47 14.65 -21.46 17.40
CA SER A 47 13.95 -22.67 16.94
C SER A 47 14.87 -23.63 16.18
N THR A 48 14.96 -24.87 16.66
CA THR A 48 15.69 -25.93 15.96
C THR A 48 14.67 -26.90 15.37
N VAL A 49 14.72 -27.13 14.05
CA VAL A 49 13.72 -27.96 13.38
C VAL A 49 14.28 -29.13 12.57
N TRP A 50 13.65 -30.29 12.72
CA TRP A 50 14.03 -31.50 12.00
C TRP A 50 13.03 -31.83 10.89
N SER A 51 11.77 -31.49 11.14
CA SER A 51 10.72 -31.66 10.15
C SER A 51 9.66 -30.59 10.35
N LEU A 52 8.99 -30.20 9.27
CA LEU A 52 8.00 -29.12 9.35
C LEU A 52 6.60 -29.58 8.92
N GLN A 53 5.60 -29.16 9.68
N GLN A 53 5.60 -29.16 9.67
CA GLN A 53 4.21 -29.46 9.35
CA GLN A 53 4.22 -29.47 9.34
C GLN A 53 3.60 -28.27 8.61
C GLN A 53 3.58 -28.28 8.60
N THR A 54 3.38 -28.42 7.30
CA THR A 54 2.78 -27.34 6.53
C THR A 54 1.26 -27.50 6.44
N THR A 55 0.58 -26.38 6.22
CA THR A 55 -0.87 -26.37 6.08
C THR A 55 -1.20 -25.74 4.73
N LEU A 56 -1.92 -26.50 3.90
CA LEU A 56 -2.33 -25.99 2.60
C LEU A 56 -3.82 -25.69 2.63
N VAL A 57 -4.22 -24.69 1.85
CA VAL A 57 -5.63 -24.33 1.72
C VAL A 57 -6.00 -24.27 0.24
N LYS A 58 -7.10 -24.94 -0.12
CA LYS A 58 -7.66 -24.84 -1.46
C LYS A 58 -9.01 -24.14 -1.35
N ILE A 59 -9.16 -23.03 -2.07
CA ILE A 59 -10.45 -22.34 -2.19
C ILE A 59 -11.03 -22.70 -3.56
N VAL A 60 -12.28 -23.15 -3.58
CA VAL A 60 -12.93 -23.51 -4.84
C VAL A 60 -14.09 -22.56 -5.06
N ALA A 61 -14.12 -21.91 -6.23
CA ALA A 61 -15.23 -21.03 -6.59
C ALA A 61 -16.45 -21.82 -7.03
N ASP A 62 -17.59 -21.14 -7.11
CA ASP A 62 -18.81 -21.73 -7.64
C ASP A 62 -18.58 -22.36 -9.02
N SER A 63 -17.71 -21.73 -9.80
CA SER A 63 -17.43 -22.17 -11.16
C SER A 63 -16.57 -23.42 -11.20
N GLY A 64 -15.95 -23.77 -10.08
CA GLY A 64 -15.06 -24.93 -10.04
C GLY A 64 -13.59 -24.53 -10.06
N LEU A 65 -13.33 -23.28 -10.42
CA LEU A 65 -11.95 -22.76 -10.43
C LEU A 65 -11.38 -22.75 -9.02
N ALA A 66 -10.11 -23.13 -8.89
CA ALA A 66 -9.50 -23.23 -7.55
C ALA A 66 -8.25 -22.38 -7.38
N GLY A 67 -8.04 -21.87 -6.16
CA GLY A 67 -6.80 -21.21 -5.81
C GLY A 67 -6.17 -21.87 -4.58
N TRP A 68 -4.85 -21.80 -4.50
CA TRP A 68 -4.12 -22.43 -3.40
C TRP A 68 -3.33 -21.46 -2.54
N GLY A 69 -3.34 -21.71 -1.23
CA GLY A 69 -2.53 -20.98 -0.26
C GLY A 69 -1.77 -21.93 0.67
N GLU A 70 -0.83 -21.39 1.43
CA GLU A 70 0.03 -22.21 2.29
C GLU A 70 0.55 -21.39 3.46
N THR A 71 0.66 -22.03 4.62
CA THR A 71 1.34 -21.42 5.77
C THR A 71 2.10 -22.49 6.56
N CYS A 72 3.38 -22.25 6.84
CA CYS A 72 4.21 -23.25 7.50
C CYS A 72 5.15 -22.60 8.50
N PRO A 73 4.71 -22.45 9.76
CA PRO A 73 5.60 -21.94 10.81
C PRO A 73 6.88 -22.77 10.92
N VAL A 74 7.99 -22.14 11.23
CA VAL A 74 9.27 -22.83 11.29
C VAL A 74 9.54 -23.31 12.72
N GLY A 75 8.77 -24.30 13.14
CA GLY A 75 8.78 -24.75 14.52
C GLY A 75 7.83 -23.85 15.32
N PRO A 76 7.37 -24.36 16.47
CA PRO A 76 6.37 -23.61 17.24
C PRO A 76 6.97 -22.53 18.15
N THR A 77 8.29 -22.38 18.16
CA THR A 77 8.93 -21.40 19.05
C THR A 77 9.55 -20.18 18.33
N TYR A 78 9.51 -20.16 16.99
CA TYR A 78 10.13 -19.06 16.26
C TYR A 78 9.31 -17.78 16.39
N ALA A 79 7.99 -17.96 16.29
CA ALA A 79 7.04 -16.86 16.24
C ALA A 79 5.77 -17.35 16.91
N PRO A 80 4.85 -16.43 17.23
CA PRO A 80 3.62 -16.87 17.89
C PRO A 80 2.65 -17.52 16.90
N SER A 81 3.05 -18.70 16.43
CA SER A 81 2.33 -19.41 15.39
C SER A 81 2.80 -20.86 15.40
N HIS A 82 1.91 -21.77 15.01
CA HIS A 82 2.22 -23.19 14.98
C HIS A 82 1.23 -23.94 14.07
N ALA A 83 1.60 -25.12 13.60
CA ALA A 83 0.76 -25.84 12.64
C ALA A 83 -0.65 -26.12 13.15
N LEU A 84 -0.77 -26.63 14.38
CA LEU A 84 -2.08 -26.90 14.96
C LEU A 84 -2.87 -25.61 15.08
N GLY A 85 -2.16 -24.51 15.34
CA GLY A 85 -2.79 -23.20 15.44
C GLY A 85 -3.27 -22.67 14.10
N ALA A 86 -2.50 -22.92 13.05
CA ALA A 86 -2.94 -22.52 11.70
C ALA A 86 -4.25 -23.22 11.36
N ARG A 87 -4.31 -24.51 11.62
CA ARG A 87 -5.50 -25.27 11.27
C ARG A 87 -6.70 -24.89 12.12
N ALA A 88 -6.46 -24.55 13.38
CA ALA A 88 -7.55 -24.09 14.25
C ALA A 88 -8.09 -22.74 13.78
N ALA A 89 -7.18 -21.85 13.39
CA ALA A 89 -7.61 -20.54 12.93
C ALA A 89 -8.41 -20.63 11.63
N LEU A 90 -7.95 -21.48 10.71
CA LEU A 90 -8.67 -21.69 9.47
C LEU A 90 -10.03 -22.32 9.71
N ALA A 91 -10.11 -23.27 10.65
CA ALA A 91 -11.41 -23.87 11.01
C ALA A 91 -12.38 -22.84 11.57
N GLU A 92 -11.86 -21.89 12.35
CA GLU A 92 -12.70 -20.84 12.89
C GLU A 92 -13.25 -19.92 11.80
N MET A 93 -12.39 -19.53 10.85
CA MET A 93 -12.77 -18.58 9.82
C MET A 93 -13.54 -19.16 8.64
N ALA A 94 -13.20 -20.38 8.23
CA ALA A 94 -13.73 -20.91 6.98
C ALA A 94 -15.27 -20.86 6.79
N PRO A 95 -16.06 -21.28 7.80
CA PRO A 95 -17.51 -21.24 7.60
C PRO A 95 -18.01 -19.83 7.28
N GLY A 96 -17.36 -18.82 7.86
CA GLY A 96 -17.76 -17.44 7.66
C GLY A 96 -17.29 -16.84 6.35
N LEU A 97 -16.53 -17.62 5.57
CA LEU A 97 -15.99 -17.13 4.31
C LEU A 97 -16.72 -17.73 3.11
N ILE A 98 -17.50 -18.78 3.33
CA ILE A 98 -18.30 -19.37 2.26
C ILE A 98 -19.26 -18.31 1.72
N GLY A 99 -19.23 -18.10 0.40
CA GLY A 99 -20.06 -17.10 -0.24
C GLY A 99 -19.39 -15.76 -0.50
N ALA A 100 -18.19 -15.56 0.06
CA ALA A 100 -17.45 -14.32 -0.12
C ALA A 100 -16.90 -14.19 -1.54
N ASN A 101 -16.65 -12.96 -1.97
CA ASN A 101 -16.05 -12.70 -3.28
C ASN A 101 -14.52 -12.78 -3.20
N PRO A 102 -13.92 -13.81 -3.81
CA PRO A 102 -12.47 -13.97 -3.67
C PRO A 102 -11.66 -13.02 -4.56
N LEU A 103 -12.35 -12.18 -5.33
CA LEU A 103 -11.68 -11.28 -6.27
C LEU A 103 -11.45 -9.90 -5.64
N GLN A 104 -11.69 -9.78 -4.35
CA GLN A 104 -11.58 -8.51 -3.62
C GLN A 104 -10.71 -8.71 -2.38
N PRO A 105 -9.39 -8.67 -2.54
CA PRO A 105 -8.53 -9.09 -1.44
C PRO A 105 -8.62 -8.24 -0.18
N LEU A 106 -8.89 -6.94 -0.33
CA LEU A 106 -9.02 -6.08 0.85
C LEU A 106 -10.35 -6.30 1.57
N VAL A 107 -11.43 -6.41 0.80
CA VAL A 107 -12.74 -6.74 1.38
C VAL A 107 -12.67 -8.10 2.07
N LEU A 108 -11.97 -9.05 1.44
CA LEU A 108 -11.83 -10.37 2.01
C LEU A 108 -11.04 -10.34 3.33
N ARG A 109 -10.00 -9.52 3.38
N ARG A 109 -9.98 -9.53 3.39
CA ARG A 109 -9.22 -9.38 4.61
CA ARG A 109 -9.21 -9.38 4.62
C ARG A 109 -10.07 -8.83 5.75
C ARG A 109 -10.06 -8.81 5.76
N ARG A 110 -10.86 -7.81 5.46
CA ARG A 110 -11.77 -7.25 6.48
C ARG A 110 -12.78 -8.28 6.96
N ARG A 111 -13.24 -9.13 6.04
CA ARG A 111 -14.20 -10.17 6.42
C ARG A 111 -13.52 -11.13 7.38
N MET A 112 -12.27 -11.49 7.10
CA MET A 112 -11.51 -12.36 8.01
C MET A 112 -11.33 -11.71 9.38
N ASP A 113 -11.03 -10.41 9.38
CA ASP A 113 -10.85 -9.68 10.64
C ASP A 113 -12.14 -9.70 11.45
N GLY A 114 -13.27 -9.78 10.75
CA GLY A 114 -14.56 -9.80 11.41
C GLY A 114 -14.90 -11.17 12.01
N LEU A 115 -14.07 -12.17 11.71
CA LEU A 115 -14.28 -13.53 12.17
C LEU A 115 -13.25 -13.98 13.20
N LEU A 116 -12.06 -13.38 13.14
CA LEU A 116 -10.96 -13.76 14.03
C LEU A 116 -9.95 -12.62 14.15
N CYS A 117 -9.64 -12.23 15.38
CA CYS A 117 -8.64 -11.19 15.61
C CYS A 117 -7.24 -11.80 15.52
N GLY A 118 -6.34 -11.09 14.85
CA GLY A 118 -4.94 -11.50 14.76
C GLY A 118 -4.79 -12.70 13.85
N HIS A 119 -3.86 -13.59 14.19
CA HIS A 119 -3.63 -14.81 13.43
C HIS A 119 -3.33 -14.54 11.95
N ASN A 120 -2.52 -13.52 11.70
CA ASN A 120 -2.10 -13.19 10.33
C ASN A 120 -1.57 -14.39 9.55
N TYR A 121 -0.82 -15.27 10.22
CA TYR A 121 -0.21 -16.41 9.52
C TYR A 121 -1.24 -17.36 8.92
N ALA A 122 -2.44 -17.42 9.50
CA ALA A 122 -3.51 -18.22 8.93
C ALA A 122 -4.29 -17.43 7.88
N LYS A 123 -4.61 -16.17 8.19
CA LYS A 123 -5.25 -15.29 7.21
C LYS A 123 -4.46 -15.24 5.90
N ALA A 124 -3.14 -15.26 6.01
CA ALA A 124 -2.30 -15.17 4.81
C ALA A 124 -2.55 -16.28 3.81
N ALA A 125 -2.84 -17.49 4.30
CA ALA A 125 -3.10 -18.64 3.43
C ALA A 125 -4.37 -18.43 2.62
N ILE A 126 -5.38 -17.82 3.23
CA ILE A 126 -6.60 -17.49 2.51
C ILE A 126 -6.34 -16.37 1.49
N ASP A 127 -5.64 -15.31 1.91
CA ASP A 127 -5.24 -14.21 1.04
C ASP A 127 -4.52 -14.74 -0.22
N ILE A 128 -3.57 -15.65 -0.01
CA ILE A 128 -2.76 -16.16 -1.12
C ILE A 128 -3.59 -16.98 -2.08
N ALA A 129 -4.46 -17.83 -1.54
CA ALA A 129 -5.36 -18.65 -2.36
C ALA A 129 -6.28 -17.76 -3.19
N ALA A 130 -6.76 -16.68 -2.60
CA ALA A 130 -7.62 -15.74 -3.35
C ALA A 130 -6.89 -15.03 -4.48
N TYR A 131 -5.66 -14.56 -4.25
CA TYR A 131 -4.86 -13.98 -5.33
C TYR A 131 -4.59 -14.99 -6.45
N ASP A 132 -4.32 -16.25 -6.08
CA ASP A 132 -4.09 -17.31 -7.07
C ASP A 132 -5.33 -17.45 -7.93
N LEU A 133 -6.49 -17.53 -7.28
N LEU A 133 -6.48 -17.56 -7.27
CA LEU A 133 -7.76 -17.65 -7.97
CA LEU A 133 -7.77 -17.69 -7.95
C LEU A 133 -8.03 -16.44 -8.89
C LEU A 133 -8.05 -16.49 -8.88
N MET A 134 -7.80 -15.24 -8.37
N MET A 134 -7.80 -15.29 -8.37
CA MET A 134 -7.96 -14.00 -9.14
CA MET A 134 -7.99 -14.07 -9.13
C MET A 134 -7.14 -14.06 -10.40
C MET A 134 -7.13 -14.02 -10.39
N GLY A 135 -5.86 -14.40 -10.25
CA GLY A 135 -4.96 -14.45 -11.38
C GLY A 135 -5.42 -15.44 -12.43
N LYS A 136 -5.87 -16.61 -11.99
CA LYS A 136 -6.37 -17.61 -12.94
C LYS A 136 -7.61 -17.12 -13.66
N HIS A 137 -8.49 -16.44 -12.92
CA HIS A 137 -9.73 -15.94 -13.49
C HIS A 137 -9.50 -14.87 -14.55
N TYR A 138 -8.61 -13.93 -14.26
CA TYR A 138 -8.33 -12.83 -15.19
C TYR A 138 -7.28 -13.18 -16.25
N GLY A 139 -6.54 -14.26 -16.03
CA GLY A 139 -5.47 -14.67 -16.93
C GLY A 139 -4.23 -13.82 -16.75
N VAL A 140 -3.91 -13.53 -15.49
CA VAL A 140 -2.82 -12.61 -15.15
C VAL A 140 -1.95 -13.22 -14.04
N ARG A 141 -0.64 -13.00 -14.11
N ARG A 141 -0.64 -13.00 -14.12
CA ARG A 141 0.24 -13.42 -13.03
CA ARG A 141 0.27 -13.40 -13.04
C ARG A 141 0.00 -12.57 -11.79
C ARG A 141 -0.01 -12.57 -11.79
N VAL A 142 0.13 -13.19 -10.61
CA VAL A 142 -0.12 -12.48 -9.35
C VAL A 142 0.73 -11.21 -9.22
N ALA A 143 1.99 -11.25 -9.63
CA ALA A 143 2.83 -10.05 -9.62
C ALA A 143 2.20 -8.87 -10.38
N ASP A 144 1.51 -9.18 -11.47
CA ASP A 144 0.84 -8.15 -12.28
C ASP A 144 -0.51 -7.68 -11.70
N LEU A 145 -0.92 -8.28 -10.59
CA LEU A 145 -2.05 -7.78 -9.83
C LEU A 145 -1.58 -6.96 -8.63
N LEU A 146 -0.27 -6.96 -8.42
CA LEU A 146 0.34 -6.26 -7.28
C LEU A 146 1.16 -5.04 -7.71
N GLY A 147 1.03 -4.65 -8.97
CA GLY A 147 1.76 -3.49 -9.44
C GLY A 147 2.57 -3.72 -10.70
N GLY A 148 2.96 -4.98 -10.92
CA GLY A 148 3.66 -5.34 -12.14
C GLY A 148 5.02 -5.96 -11.89
N VAL A 149 5.43 -6.81 -12.82
CA VAL A 149 6.73 -7.46 -12.77
C VAL A 149 7.85 -6.46 -13.05
N ALA A 150 8.71 -6.25 -12.05
CA ALA A 150 9.86 -5.37 -12.20
C ALA A 150 11.09 -6.18 -12.61
N ALA A 151 11.06 -7.47 -12.29
CA ALA A 151 12.15 -8.37 -12.62
C ALA A 151 11.63 -9.79 -12.77
N GLU A 152 11.99 -10.45 -13.87
CA GLU A 152 11.62 -11.85 -14.09
C GLU A 152 12.51 -12.79 -13.29
N ARG A 153 13.74 -12.39 -13.05
CA ARG A 153 14.66 -13.19 -12.26
C ARG A 153 14.92 -12.46 -10.96
N VAL A 154 14.54 -13.11 -9.86
N VAL A 154 14.44 -13.03 -9.86
CA VAL A 154 14.56 -12.51 -8.54
CA VAL A 154 14.62 -12.37 -8.56
C VAL A 154 15.75 -13.03 -7.73
C VAL A 154 15.78 -12.97 -7.80
N PRO A 155 16.51 -12.13 -7.08
CA PRO A 155 17.63 -12.62 -6.27
C PRO A 155 17.10 -13.39 -5.07
N SER A 156 17.86 -14.38 -4.64
CA SER A 156 17.59 -15.03 -3.36
C SER A 156 18.74 -14.70 -2.42
N TYR A 157 18.68 -15.23 -1.21
CA TYR A 157 19.82 -15.15 -0.30
C TYR A 157 19.92 -16.47 0.46
N TYR A 158 21.13 -16.81 0.89
CA TYR A 158 21.30 -18.06 1.63
C TYR A 158 21.47 -17.77 3.11
N ALA A 159 20.75 -18.52 3.94
CA ALA A 159 20.81 -18.31 5.38
C ALA A 159 21.44 -19.53 6.04
N THR A 160 22.60 -19.33 6.67
CA THR A 160 23.26 -20.44 7.34
C THR A 160 22.62 -20.69 8.71
N GLY A 161 22.45 -21.95 9.05
CA GLY A 161 22.04 -22.28 10.41
C GLY A 161 23.20 -22.01 11.35
N ILE A 162 22.93 -21.96 12.64
CA ILE A 162 24.00 -21.81 13.62
C ILE A 162 24.92 -23.02 13.58
N GLY A 163 26.23 -22.80 13.61
CA GLY A 163 27.21 -23.87 13.56
C GLY A 163 28.60 -23.42 13.96
N GLN A 164 29.61 -24.28 13.78
CA GLN A 164 30.99 -23.94 14.13
C GLN A 164 31.60 -22.92 13.16
N PRO A 165 32.38 -21.96 13.68
CA PRO A 165 32.91 -20.84 12.87
C PRO A 165 33.57 -21.26 11.56
N ASP A 166 34.49 -22.22 11.59
CA ASP A 166 35.17 -22.64 10.36
C ASP A 166 34.20 -23.31 9.39
N GLU A 167 33.26 -24.08 9.93
CA GLU A 167 32.26 -24.78 9.11
C GLU A 167 31.35 -23.80 8.38
N ILE A 168 30.86 -22.80 9.10
CA ILE A 168 29.98 -21.78 8.54
C ILE A 168 30.71 -20.93 7.49
N ALA A 169 31.96 -20.57 7.76
CA ALA A 169 32.78 -19.84 6.80
C ALA A 169 32.93 -20.60 5.47
N ARG A 170 33.15 -21.91 5.56
CA ARG A 170 33.24 -22.75 4.38
C ARG A 170 31.93 -22.75 3.58
N ILE A 171 30.81 -22.93 4.27
CA ILE A 171 29.51 -22.91 3.61
C ILE A 171 29.25 -21.56 2.95
N ALA A 172 29.60 -20.47 3.65
CA ALA A 172 29.46 -19.13 3.09
C ALA A 172 30.16 -19.02 1.74
N ALA A 173 31.43 -19.45 1.66
CA ALA A 173 32.18 -19.40 0.42
C ALA A 173 31.51 -20.23 -0.66
N GLU A 174 31.02 -21.41 -0.27
CA GLU A 174 30.37 -22.32 -1.22
C GLU A 174 29.13 -21.69 -1.83
N LYS A 175 28.32 -21.03 -1.00
CA LYS A 175 27.07 -20.47 -1.48
C LYS A 175 27.25 -19.19 -2.30
N VAL A 176 28.27 -18.40 -1.97
CA VAL A 176 28.66 -17.28 -2.85
C VAL A 176 28.99 -17.81 -4.26
N ALA A 177 29.78 -18.89 -4.32
CA ALA A 177 30.19 -19.44 -5.60
C ALA A 177 29.00 -19.95 -6.40
N GLU A 178 27.98 -20.44 -5.70
CA GLU A 178 26.76 -20.92 -6.36
C GLU A 178 25.96 -19.77 -6.98
N GLY A 179 26.19 -18.55 -6.52
CA GLY A 179 25.58 -17.39 -7.13
C GLY A 179 24.73 -16.49 -6.26
N PHE A 180 24.54 -16.88 -4.99
CA PHE A 180 23.76 -16.05 -4.06
C PHE A 180 24.41 -14.69 -3.88
N PRO A 181 23.64 -13.62 -4.13
CA PRO A 181 24.20 -12.26 -4.02
C PRO A 181 24.26 -11.75 -2.58
N ARG A 182 23.72 -12.51 -1.63
CA ARG A 182 23.65 -12.09 -0.24
C ARG A 182 23.65 -13.32 0.66
N LEU A 183 24.32 -13.20 1.80
CA LEU A 183 24.33 -14.27 2.81
C LEU A 183 23.83 -13.71 4.12
N GLN A 184 23.04 -14.53 4.83
CA GLN A 184 22.64 -14.24 6.19
C GLN A 184 23.23 -15.29 7.10
N ILE A 185 23.96 -14.85 8.12
CA ILE A 185 24.61 -15.74 9.08
C ILE A 185 23.81 -15.72 10.37
N LYS A 186 23.25 -16.87 10.76
CA LYS A 186 22.51 -16.90 12.03
C LYS A 186 23.47 -17.07 13.20
N ILE A 187 23.23 -16.29 14.26
CA ILE A 187 24.07 -16.32 15.46
C ILE A 187 23.22 -16.39 16.72
N GLY A 188 23.89 -16.52 17.87
CA GLY A 188 23.21 -16.47 19.15
C GLY A 188 23.05 -17.80 19.86
N GLY A 189 22.58 -17.74 21.11
CA GLY A 189 22.33 -18.94 21.89
C GLY A 189 23.59 -19.56 22.48
N ARG A 190 24.67 -18.78 22.52
CA ARG A 190 25.97 -19.25 22.96
C ARG A 190 26.79 -17.99 23.24
N PRO A 191 27.99 -18.13 23.84
CA PRO A 191 28.78 -16.92 24.09
C PRO A 191 29.08 -16.12 22.82
N VAL A 192 28.89 -14.81 22.91
CA VAL A 192 28.93 -13.96 21.72
C VAL A 192 30.30 -13.95 21.04
N GLU A 193 31.37 -14.24 21.78
CA GLU A 193 32.69 -14.29 21.14
C GLU A 193 32.76 -15.34 20.04
N ILE A 194 31.95 -16.39 20.15
CA ILE A 194 31.89 -17.41 19.11
C ILE A 194 31.16 -16.87 17.88
N ASP A 195 30.10 -16.09 18.11
CA ASP A 195 29.40 -15.42 17.02
C ASP A 195 30.32 -14.45 16.29
N ILE A 196 31.10 -13.69 17.06
CA ILE A 196 32.03 -12.71 16.48
C ILE A 196 33.12 -13.41 15.66
N GLU A 197 33.65 -14.52 16.17
CA GLU A 197 34.62 -15.31 15.43
C GLU A 197 34.02 -15.80 14.11
N THR A 198 32.77 -16.25 14.16
CA THR A 198 32.05 -16.71 12.97
C THR A 198 31.95 -15.59 11.94
N VAL A 199 31.51 -14.42 12.39
CA VAL A 199 31.37 -13.27 11.49
C VAL A 199 32.71 -12.89 10.83
N ARG A 200 33.77 -12.84 11.63
N ARG A 200 33.78 -12.85 11.63
CA ARG A 200 35.10 -12.52 11.10
CA ARG A 200 35.09 -12.53 11.08
C ARG A 200 35.60 -13.55 10.08
C ARG A 200 35.58 -13.55 10.07
N LYS A 201 35.36 -14.83 10.36
CA LYS A 201 35.80 -15.88 9.45
C LYS A 201 35.00 -15.90 8.14
N VAL A 202 33.69 -15.67 8.24
CA VAL A 202 32.87 -15.52 7.04
C VAL A 202 33.36 -14.35 6.19
N TRP A 203 33.61 -13.21 6.84
CA TRP A 203 34.06 -12.03 6.11
C TRP A 203 35.38 -12.29 5.39
N GLU A 204 36.31 -12.98 6.05
CA GLU A 204 37.55 -13.35 5.40
C GLU A 204 37.34 -14.12 4.10
N ARG A 205 36.31 -14.96 4.05
CA ARG A 205 36.01 -15.73 2.83
C ARG A 205 35.31 -14.94 1.73
N ILE A 206 34.41 -14.04 2.12
CA ILE A 206 33.52 -13.40 1.14
C ILE A 206 33.90 -11.97 0.77
N ARG A 207 34.82 -11.36 1.50
CA ARG A 207 35.28 -10.01 1.15
C ARG A 207 35.82 -9.98 -0.28
N GLY A 208 35.46 -8.94 -1.01
CA GLY A 208 35.93 -8.80 -2.38
C GLY A 208 35.08 -9.51 -3.42
N THR A 209 34.04 -10.21 -2.99
CA THR A 209 33.16 -10.93 -3.92
C THR A 209 31.90 -10.15 -4.25
N GLY A 210 31.74 -8.99 -3.62
CA GLY A 210 30.56 -8.18 -3.85
C GLY A 210 29.29 -8.73 -3.20
N THR A 211 29.45 -9.70 -2.32
CA THR A 211 28.33 -10.33 -1.64
C THR A 211 27.89 -9.49 -0.44
N ARG A 212 26.59 -9.24 -0.31
CA ARG A 212 26.09 -8.51 0.84
C ARG A 212 25.91 -9.43 2.04
N LEU A 213 26.09 -8.86 3.24
CA LEU A 213 26.10 -9.66 4.45
C LEU A 213 25.08 -9.19 5.49
N ALA A 214 24.33 -10.14 6.02
CA ALA A 214 23.43 -9.90 7.15
C ALA A 214 23.81 -10.86 8.27
N VAL A 215 23.72 -10.38 9.51
CA VAL A 215 23.99 -11.21 10.68
C VAL A 215 22.72 -11.21 11.53
N ASP A 216 22.11 -12.38 11.69
CA ASP A 216 20.78 -12.48 12.32
C ASP A 216 20.86 -13.04 13.74
N GLY A 217 20.54 -12.21 14.72
CA GLY A 217 20.54 -12.67 16.11
C GLY A 217 19.28 -13.39 16.54
N ASN A 218 18.26 -13.39 15.70
CA ASN A 218 16.98 -14.05 15.96
C ASN A 218 16.45 -13.88 17.38
N ARG A 219 16.41 -12.62 17.82
CA ARG A 219 15.84 -12.25 19.12
C ARG A 219 16.67 -12.66 20.33
N SER A 220 17.90 -13.12 20.11
CA SER A 220 18.61 -13.83 21.19
C SER A 220 19.70 -13.07 21.94
N LEU A 221 20.10 -11.90 21.44
CA LEU A 221 21.19 -11.15 22.07
C LEU A 221 20.66 -10.14 23.07
N PRO A 222 21.19 -10.15 24.30
CA PRO A 222 20.93 -8.99 25.17
C PRO A 222 21.62 -7.78 24.55
N SER A 223 21.15 -6.58 24.87
N SER A 223 21.14 -6.58 24.86
CA SER A 223 21.75 -5.35 24.36
CA SER A 223 21.76 -5.37 24.31
C SER A 223 23.27 -5.33 24.56
C SER A 223 23.27 -5.32 24.56
N ARG A 224 23.71 -5.84 25.71
CA ARG A 224 25.13 -5.95 26.03
C ARG A 224 25.95 -6.55 24.88
N ASP A 225 25.41 -7.63 24.29
CA ASP A 225 26.14 -8.38 23.28
C ASP A 225 25.94 -7.82 21.87
N ALA A 226 24.79 -7.20 21.62
CA ALA A 226 24.56 -6.56 20.33
C ALA A 226 25.49 -5.36 20.20
N LEU A 227 25.61 -4.59 21.28
CA LEU A 227 26.55 -3.47 21.34
C LEU A 227 27.96 -3.93 21.05
N ARG A 228 28.38 -5.04 21.68
CA ARG A 228 29.74 -5.55 21.50
C ARG A 228 30.01 -6.00 20.07
N LEU A 229 29.07 -6.72 19.49
CA LEU A 229 29.23 -7.22 18.13
C LEU A 229 29.47 -6.07 17.13
N SER A 230 28.67 -5.03 17.21
CA SER A 230 28.86 -3.88 16.31
C SER A 230 30.15 -3.13 16.63
N ARG A 231 30.39 -2.86 17.91
CA ARG A 231 31.55 -2.09 18.36
C ARG A 231 32.87 -2.72 17.91
N GLU A 232 32.93 -4.05 17.95
CA GLU A 232 34.17 -4.75 17.63
C GLU A 232 34.44 -4.88 16.14
N CYS A 233 33.41 -4.69 15.30
CA CYS A 233 33.52 -5.01 13.88
C CYS A 233 33.13 -3.91 12.89
N PRO A 234 33.65 -2.68 13.08
CA PRO A 234 33.23 -1.61 12.16
C PRO A 234 33.63 -1.84 10.71
N GLU A 235 34.70 -2.59 10.49
CA GLU A 235 35.24 -2.87 9.17
C GLU A 235 34.50 -4.00 8.43
N ILE A 236 33.55 -4.65 9.11
CA ILE A 236 32.78 -5.72 8.49
C ILE A 236 31.38 -5.22 8.16
N PRO A 237 31.00 -5.24 6.87
CA PRO A 237 29.79 -4.53 6.48
C PRO A 237 28.51 -5.35 6.57
N PHE A 238 28.22 -5.87 7.75
CA PHE A 238 26.93 -6.51 7.94
C PHE A 238 25.84 -5.52 8.29
N VAL A 239 24.60 -5.92 8.03
CA VAL A 239 23.48 -5.31 8.74
C VAL A 239 23.18 -6.28 9.88
N LEU A 240 22.74 -5.73 11.01
CA LEU A 240 22.42 -6.53 12.19
C LEU A 240 20.91 -6.73 12.20
N GLU A 241 20.48 -7.96 11.94
CA GLU A 241 19.06 -8.28 11.81
C GLU A 241 18.51 -8.81 13.13
N GLN A 242 17.42 -8.21 13.59
CA GLN A 242 16.73 -8.57 14.83
C GLN A 242 17.66 -9.06 15.94
N PRO A 243 18.61 -8.20 16.34
CA PRO A 243 19.60 -8.68 17.32
C PRO A 243 18.97 -9.00 18.66
N CYS A 244 18.03 -8.15 19.08
CA CYS A 244 17.38 -8.28 20.37
C CYS A 244 15.93 -8.73 20.24
N ASN A 245 15.35 -9.19 21.35
CA ASN A 245 14.01 -9.77 21.35
C ASN A 245 12.90 -8.76 21.01
N THR A 246 12.92 -7.59 21.66
CA THR A 246 11.87 -6.59 21.51
C THR A 246 12.29 -5.37 20.70
N LEU A 247 11.32 -4.73 20.05
CA LEU A 247 11.58 -3.48 19.36
C LEU A 247 12.03 -2.41 20.34
N GLU A 248 11.53 -2.49 21.57
CA GLU A 248 11.95 -1.55 22.61
C GLU A 248 13.46 -1.63 22.88
N GLU A 249 14.00 -2.85 22.92
CA GLU A 249 15.45 -3.00 23.13
C GLU A 249 16.22 -2.47 21.92
N ILE A 250 15.71 -2.78 20.72
CA ILE A 250 16.37 -2.32 19.51
C ILE A 250 16.38 -0.79 19.43
N ALA A 251 15.27 -0.16 19.81
CA ALA A 251 15.21 1.30 19.78
C ALA A 251 16.20 1.91 20.77
N ALA A 252 16.40 1.22 21.89
CA ALA A 252 17.31 1.69 22.93
C ALA A 252 18.78 1.64 22.52
N ILE A 253 19.17 0.65 21.71
CA ILE A 253 20.57 0.51 21.33
C ILE A 253 20.92 1.20 20.02
N ARG A 254 19.90 1.54 19.25
N ARG A 254 19.91 1.52 19.22
CA ARG A 254 20.06 1.99 17.88
CA ARG A 254 20.14 1.96 17.83
C ARG A 254 21.08 3.11 17.68
C ARG A 254 21.13 3.12 17.67
N GLY A 255 21.05 4.11 18.55
CA GLY A 255 21.94 5.26 18.43
C GLY A 255 23.39 4.96 18.76
N ARG A 256 23.61 3.84 19.45
CA ARG A 256 24.95 3.43 19.85
C ARG A 256 25.54 2.35 18.93
N VAL A 257 24.82 2.03 17.86
CA VAL A 257 25.23 0.98 16.92
C VAL A 257 25.42 1.59 15.53
N GLN A 258 26.62 1.48 14.98
CA GLN A 258 26.94 2.13 13.71
C GLN A 258 26.72 1.25 12.47
N HIS A 259 26.32 0.00 12.69
CA HIS A 259 25.84 -0.84 11.61
C HIS A 259 24.35 -0.65 11.42
N GLY A 260 23.91 -0.72 10.16
CA GLY A 260 22.48 -0.76 9.87
C GLY A 260 21.80 -1.87 10.66
N ILE A 261 20.61 -1.58 11.15
CA ILE A 261 19.83 -2.58 11.89
C ILE A 261 18.56 -2.90 11.10
N TYR A 262 18.27 -4.20 10.91
CA TYR A 262 17.01 -4.59 10.23
C TYR A 262 16.08 -5.24 11.24
N LEU A 263 14.78 -5.02 11.07
CA LEU A 263 13.78 -5.75 11.85
C LEU A 263 13.30 -6.98 11.09
N ASP A 264 13.01 -8.06 11.82
CA ASP A 264 12.40 -9.25 11.24
C ASP A 264 11.21 -9.60 12.13
N GLU A 265 11.41 -10.43 13.15
CA GLU A 265 10.31 -10.84 14.03
C GLU A 265 9.48 -9.69 14.61
N SER A 266 10.09 -8.52 14.83
CA SER A 266 9.36 -7.39 15.39
C SER A 266 8.32 -6.81 14.42
N GLY A 267 8.51 -7.06 13.12
CA GLY A 267 7.62 -6.48 12.11
C GLY A 267 6.34 -7.28 11.97
N GLU A 268 5.49 -7.20 12.99
CA GLU A 268 4.32 -8.07 13.10
C GLU A 268 3.12 -7.61 12.30
N ASP A 269 3.07 -6.33 11.97
CA ASP A 269 1.93 -5.80 11.23
C ASP A 269 2.29 -4.49 10.58
N LEU A 270 1.39 -3.99 9.73
CA LEU A 270 1.67 -2.73 9.03
C LEU A 270 1.85 -1.57 10.01
N SER A 271 1.09 -1.57 11.09
CA SER A 271 1.21 -0.50 12.09
C SER A 271 2.63 -0.41 12.67
N THR A 272 3.23 -1.56 12.94
CA THR A 272 4.61 -1.56 13.47
C THR A 272 5.61 -1.07 12.44
N VAL A 273 5.39 -1.45 11.19
CA VAL A 273 6.23 -0.96 10.09
C VAL A 273 6.16 0.56 9.99
N ILE A 274 4.95 1.09 10.13
CA ILE A 274 4.74 2.55 10.08
C ILE A 274 5.50 3.25 11.21
N ARG A 275 5.46 2.66 12.41
CA ARG A 275 6.24 3.19 13.54
C ARG A 275 7.73 3.16 13.23
N ALA A 276 8.21 2.02 12.77
CA ALA A 276 9.63 1.85 12.52
C ALA A 276 10.12 2.79 11.43
N ALA A 277 9.36 2.92 10.34
CA ALA A 277 9.82 3.79 9.26
C ALA A 277 9.65 5.27 9.62
N GLY A 278 8.50 5.60 10.20
CA GLY A 278 8.20 6.99 10.56
C GLY A 278 9.08 7.56 11.65
N GLN A 279 9.54 6.72 12.56
CA GLN A 279 10.40 7.17 13.66
C GLN A 279 11.88 6.86 13.44
N GLY A 280 12.20 6.24 12.31
CA GLY A 280 13.60 5.95 11.97
C GLY A 280 14.23 4.92 12.88
N LEU A 281 13.49 3.87 13.22
CA LEU A 281 13.97 2.87 14.17
C LEU A 281 14.76 1.74 13.53
N CYS A 282 14.77 1.67 12.19
CA CYS A 282 15.55 0.63 11.52
C CYS A 282 15.96 1.08 10.12
N ASP A 283 16.85 0.31 9.51
CA ASP A 283 17.39 0.64 8.20
C ASP A 283 16.95 -0.34 7.12
N GLY A 284 16.04 -1.24 7.47
CA GLY A 284 15.56 -2.25 6.54
C GLY A 284 14.82 -3.36 7.25
N PHE A 285 14.35 -4.35 6.47
CA PHE A 285 13.53 -5.42 7.04
C PHE A 285 13.83 -6.77 6.42
N GLY A 286 13.76 -7.81 7.24
CA GLY A 286 13.51 -9.14 6.72
C GLY A 286 12.02 -9.32 6.92
N MET A 287 11.23 -9.42 5.86
CA MET A 287 9.79 -9.49 6.07
C MET A 287 9.19 -10.79 5.57
N LYS A 288 8.40 -11.42 6.43
CA LYS A 288 7.72 -12.66 6.11
C LYS A 288 6.25 -12.44 5.73
N LEU A 289 5.88 -12.99 4.58
CA LEU A 289 4.53 -12.80 4.02
C LEU A 289 3.42 -13.24 4.98
N THR A 290 3.59 -14.40 5.61
CA THR A 290 2.55 -14.88 6.52
C THR A 290 2.42 -14.01 7.76
N ARG A 291 3.54 -13.50 8.26
CA ARG A 291 3.52 -12.62 9.44
C ARG A 291 2.75 -11.32 9.21
N ILE A 292 2.95 -10.70 8.06
N ILE A 292 2.96 -10.70 8.05
CA ILE A 292 2.29 -9.41 7.82
CA ILE A 292 2.33 -9.42 7.75
C ILE A 292 0.83 -9.59 7.42
C ILE A 292 0.85 -9.59 7.39
N GLY A 293 0.46 -10.82 7.04
CA GLY A 293 -0.92 -11.15 6.79
C GLY A 293 -1.34 -11.42 5.36
N GLY A 294 -0.39 -11.56 4.46
CA GLY A 294 -0.72 -11.87 3.07
C GLY A 294 -0.24 -10.82 2.09
N LEU A 295 -0.58 -11.02 0.82
CA LEU A 295 -0.06 -10.19 -0.26
C LEU A 295 -0.66 -8.78 -0.27
N GLN A 296 -1.93 -8.64 0.12
CA GLN A 296 -2.54 -7.31 0.18
C GLN A 296 -1.73 -6.40 1.11
N GLN A 297 -1.40 -6.92 2.28
CA GLN A 297 -0.62 -6.14 3.25
C GLN A 297 0.84 -6.03 2.87
N MET A 298 1.37 -7.09 2.27
CA MET A 298 2.77 -7.08 1.85
C MET A 298 3.02 -6.02 0.79
N ALA A 299 2.06 -5.80 -0.11
CA ALA A 299 2.21 -4.75 -1.14
C ALA A 299 2.28 -3.36 -0.53
N ALA A 300 1.46 -3.11 0.48
CA ALA A 300 1.51 -1.83 1.19
C ALA A 300 2.84 -1.66 1.93
N PHE A 301 3.31 -2.74 2.53
CA PHE A 301 4.62 -2.76 3.17
C PHE A 301 5.72 -2.38 2.18
N ARG A 302 5.67 -2.99 1.01
CA ARG A 302 6.64 -2.72 -0.06
C ARG A 302 6.63 -1.23 -0.42
N ASP A 303 5.44 -0.66 -0.55
CA ASP A 303 5.32 0.75 -0.91
C ASP A 303 5.86 1.69 0.17
N ILE A 304 5.68 1.33 1.44
CA ILE A 304 6.24 2.11 2.55
C ILE A 304 7.76 2.08 2.49
N CYS A 305 8.32 0.89 2.32
CA CYS A 305 9.78 0.78 2.24
C CYS A 305 10.35 1.52 1.03
N GLU A 306 9.66 1.48 -0.10
CA GLU A 306 10.18 2.15 -1.29
C GLU A 306 10.20 3.67 -1.12
N ALA A 307 9.19 4.21 -0.44
CA ALA A 307 9.16 5.64 -0.16
C ALA A 307 10.32 6.10 0.72
N ARG A 308 10.87 5.21 1.54
CA ARG A 308 11.94 5.60 2.45
C ARG A 308 13.27 4.94 2.15
N ALA A 309 13.39 4.36 0.95
CA ALA A 309 14.61 3.63 0.57
C ALA A 309 15.08 2.66 1.64
N LEU A 310 14.15 1.86 2.16
CA LEU A 310 14.48 0.83 3.13
C LEU A 310 14.52 -0.54 2.44
N PRO A 311 15.73 -1.09 2.25
CA PRO A 311 15.83 -2.40 1.59
C PRO A 311 15.15 -3.49 2.40
N HIS A 312 14.62 -4.49 1.71
CA HIS A 312 13.93 -5.57 2.41
C HIS A 312 13.91 -6.83 1.59
N SER A 313 13.74 -7.95 2.28
CA SER A 313 13.51 -9.22 1.62
C SER A 313 12.02 -9.54 1.61
N CYS A 314 11.64 -10.53 0.82
CA CYS A 314 10.26 -11.05 0.80
C CYS A 314 10.34 -12.55 1.02
N ASP A 315 10.13 -12.97 2.27
CA ASP A 315 10.46 -14.32 2.69
C ASP A 315 9.24 -14.98 3.29
N ASP A 316 9.41 -16.23 3.68
CA ASP A 316 8.53 -16.76 4.71
C ASP A 316 9.30 -17.61 5.68
N ALA A 317 8.61 -18.14 6.67
CA ALA A 317 9.26 -18.96 7.69
C ALA A 317 9.78 -20.27 7.12
N TRP A 318 8.96 -20.90 6.26
CA TRP A 318 9.27 -22.18 5.65
C TRP A 318 8.14 -22.48 4.69
N GLY A 319 8.22 -23.61 3.99
CA GLY A 319 7.14 -24.07 3.13
C GLY A 319 7.52 -24.35 1.70
N GLY A 320 6.59 -25.01 0.99
CA GLY A 320 6.82 -25.50 -0.36
C GLY A 320 6.39 -24.55 -1.47
N ASP A 321 6.01 -25.12 -2.62
CA ASP A 321 5.81 -24.34 -3.84
C ASP A 321 4.78 -23.22 -3.73
N ILE A 322 3.74 -23.44 -2.92
CA ILE A 322 2.66 -22.45 -2.85
C ILE A 322 3.10 -21.16 -2.16
N ILE A 323 3.60 -21.29 -0.93
CA ILE A 323 4.10 -20.09 -0.26
C ILE A 323 5.33 -19.51 -0.98
N ALA A 324 6.21 -20.39 -1.49
CA ALA A 324 7.39 -19.92 -2.22
C ALA A 324 7.01 -19.09 -3.43
N ALA A 325 5.97 -19.52 -4.16
CA ALA A 325 5.56 -18.79 -5.35
C ALA A 325 4.96 -17.45 -4.96
N ALA A 326 4.20 -17.42 -3.87
CA ALA A 326 3.65 -16.17 -3.40
C ALA A 326 4.76 -15.17 -3.08
N CYS A 327 5.79 -15.64 -2.39
CA CYS A 327 6.92 -14.78 -2.04
C CYS A 327 7.68 -14.30 -3.28
N THR A 328 7.81 -15.17 -4.28
CA THR A 328 8.49 -14.83 -5.51
C THR A 328 7.72 -13.77 -6.29
N HIS A 329 6.40 -13.90 -6.31
CA HIS A 329 5.57 -12.92 -7.01
C HIS A 329 5.66 -11.52 -6.42
N ILE A 330 5.52 -11.39 -5.10
CA ILE A 330 5.69 -10.05 -4.52
C ILE A 330 7.15 -9.58 -4.68
N GLY A 331 8.09 -10.51 -4.54
CA GLY A 331 9.50 -10.20 -4.75
C GLY A 331 9.79 -9.61 -6.12
N ALA A 332 9.08 -10.11 -7.14
CA ALA A 332 9.28 -9.65 -8.52
C ALA A 332 8.80 -8.23 -8.75
N THR A 333 8.07 -7.66 -7.79
CA THR A 333 7.54 -6.29 -7.91
C THR A 333 8.40 -5.25 -7.22
N VAL A 334 9.40 -5.71 -6.47
CA VAL A 334 10.23 -4.82 -5.65
C VAL A 334 11.27 -4.10 -6.51
N GLN A 335 11.47 -2.80 -6.25
CA GLN A 335 12.52 -2.07 -6.96
C GLN A 335 13.85 -2.82 -6.78
N PRO A 336 14.52 -3.15 -7.89
CA PRO A 336 15.70 -4.01 -7.79
C PRO A 336 16.76 -3.52 -6.79
N ARG A 337 16.98 -2.21 -6.72
CA ARG A 337 18.00 -1.70 -5.80
C ARG A 337 17.64 -1.87 -4.32
N LEU A 338 16.37 -2.14 -4.03
CA LEU A 338 15.94 -2.35 -2.64
C LEU A 338 15.69 -3.82 -2.32
N ASN A 339 15.87 -4.70 -3.31
CA ASN A 339 15.48 -6.11 -3.12
C ASN A 339 16.60 -6.93 -2.47
N GLU A 340 16.43 -7.24 -1.18
CA GLU A 340 17.42 -8.04 -0.46
C GLU A 340 17.28 -9.54 -0.73
N GLY A 341 16.24 -9.89 -1.49
CA GLY A 341 16.09 -11.27 -1.92
C GLY A 341 14.82 -11.95 -1.45
N VAL A 342 14.51 -13.08 -2.08
CA VAL A 342 13.39 -13.93 -1.69
C VAL A 342 13.97 -15.23 -1.14
N TRP A 343 13.78 -15.47 0.16
CA TRP A 343 14.24 -16.72 0.75
C TRP A 343 13.14 -17.78 0.62
N VAL A 344 13.51 -18.98 0.18
CA VAL A 344 12.57 -20.11 0.11
C VAL A 344 13.23 -21.36 0.70
N ALA A 345 12.39 -22.29 1.19
CA ALA A 345 12.86 -23.52 1.83
C ALA A 345 13.19 -24.64 0.86
N GLN A 346 12.92 -24.40 -0.43
CA GLN A 346 13.13 -25.41 -1.47
C GLN A 346 14.39 -26.28 -1.38
N PRO A 347 15.56 -25.69 -1.06
CA PRO A 347 16.76 -26.54 -0.98
C PRO A 347 16.66 -27.63 0.09
N TYR A 348 15.79 -27.44 1.07
CA TYR A 348 15.65 -28.36 2.20
C TYR A 348 14.43 -29.29 2.05
N ILE A 349 13.72 -29.16 0.93
CA ILE A 349 12.48 -29.92 0.71
C ILE A 349 12.65 -30.93 -0.44
N ALA A 350 12.46 -32.21 -0.13
CA ALA A 350 12.75 -33.25 -1.11
C ALA A 350 11.75 -33.29 -2.27
N GLN A 351 10.47 -33.07 -1.96
CA GLN A 351 9.41 -33.30 -2.94
C GLN A 351 8.61 -32.04 -3.26
N PRO A 352 8.75 -31.51 -4.49
CA PRO A 352 7.95 -30.33 -4.87
C PRO A 352 6.48 -30.69 -5.13
N TYR A 353 5.57 -29.74 -4.89
CA TYR A 353 4.16 -29.97 -5.13
C TYR A 353 3.86 -29.97 -6.63
N ASP A 354 4.61 -29.16 -7.36
CA ASP A 354 4.42 -29.01 -8.81
C ASP A 354 5.74 -29.40 -9.47
N GLU A 355 5.77 -30.60 -10.04
CA GLU A 355 7.01 -31.16 -10.58
C GLU A 355 7.52 -30.35 -11.77
N GLU A 356 6.61 -29.73 -12.52
CA GLU A 356 6.99 -29.00 -13.73
C GLU A 356 7.34 -27.55 -13.47
N ASN A 357 6.51 -26.87 -12.68
CA ASN A 357 6.63 -25.41 -12.59
C ASN A 357 6.83 -24.87 -11.17
N GLY A 358 7.12 -25.76 -10.23
CA GLY A 358 7.41 -25.35 -8.87
C GLY A 358 8.62 -24.43 -8.77
N ILE A 359 8.70 -23.72 -7.64
CA ILE A 359 9.78 -22.76 -7.42
C ILE A 359 11.10 -23.45 -7.15
N ARG A 360 12.15 -23.05 -7.88
CA ARG A 360 13.46 -23.67 -7.72
C ARG A 360 14.51 -22.57 -7.68
N ILE A 361 15.46 -22.67 -6.75
CA ILE A 361 16.60 -21.76 -6.80
C ILE A 361 17.59 -22.25 -7.84
N ALA A 362 18.03 -21.33 -8.69
CA ALA A 362 19.07 -21.64 -9.68
C ALA A 362 20.07 -20.49 -9.73
N GLY A 363 21.32 -20.78 -9.44
CA GLY A 363 22.34 -19.75 -9.46
C GLY A 363 22.07 -18.65 -8.44
N GLY A 364 21.52 -19.05 -7.29
CA GLY A 364 21.24 -18.08 -6.23
C GLY A 364 20.10 -17.14 -6.52
N HIS A 365 19.32 -17.45 -7.56
CA HIS A 365 18.21 -16.61 -8.00
C HIS A 365 16.97 -17.47 -8.28
N ILE A 366 15.81 -16.83 -8.43
CA ILE A 366 14.58 -17.57 -8.68
C ILE A 366 13.84 -16.97 -9.87
N ASP A 367 13.52 -17.79 -10.87
CA ASP A 367 12.72 -17.34 -12.00
C ASP A 367 11.24 -17.27 -11.63
N LEU A 368 10.59 -16.18 -12.00
CA LEU A 368 9.15 -16.06 -11.79
C LEU A 368 8.40 -17.02 -12.71
N PRO A 369 7.45 -17.80 -12.16
CA PRO A 369 6.66 -18.70 -13.01
C PRO A 369 5.93 -17.93 -14.12
N LYS A 370 5.69 -18.59 -15.25
CA LYS A 370 5.10 -17.94 -16.41
C LYS A 370 3.58 -17.90 -16.39
N GLY A 371 2.95 -18.87 -15.72
CA GLY A 371 1.51 -19.07 -15.83
C GLY A 371 0.67 -18.07 -15.07
N PRO A 372 -0.65 -18.09 -15.31
CA PRO A 372 -1.54 -17.18 -14.58
C PRO A 372 -1.63 -17.54 -13.09
N GLY A 373 -2.13 -16.62 -12.26
CA GLY A 373 -2.14 -16.84 -10.83
C GLY A 373 -0.72 -16.94 -10.30
N LEU A 374 -0.50 -17.86 -9.37
CA LEU A 374 0.83 -18.11 -8.83
C LEU A 374 1.72 -18.86 -9.83
N GLY A 375 1.09 -19.46 -10.85
CA GLY A 375 1.82 -20.22 -11.86
C GLY A 375 2.14 -21.64 -11.41
N ILE A 376 1.52 -22.05 -10.30
CA ILE A 376 1.75 -23.35 -9.66
C ILE A 376 0.47 -24.19 -9.70
N THR A 377 0.61 -25.47 -10.03
CA THR A 377 -0.50 -26.42 -9.93
C THR A 377 -0.06 -27.59 -9.04
N PRO A 378 -0.51 -27.60 -7.79
CA PRO A 378 -0.07 -28.66 -6.86
C PRO A 378 -0.67 -30.01 -7.22
N ASP A 379 0.09 -31.09 -6.98
CA ASP A 379 -0.45 -32.44 -7.08
C ASP A 379 -1.09 -32.77 -5.74
N GLU A 380 -2.41 -32.67 -5.70
N GLU A 380 -2.42 -32.67 -5.69
CA GLU A 380 -3.19 -32.83 -4.48
CA GLU A 380 -3.17 -32.83 -4.44
C GLU A 380 -3.00 -34.21 -3.84
C GLU A 380 -3.00 -34.21 -3.83
N SER A 381 -2.73 -35.21 -4.67
CA SER A 381 -2.54 -36.58 -4.19
C SER A 381 -1.36 -36.70 -3.22
N LEU A 382 -0.42 -35.77 -3.31
CA LEU A 382 0.71 -35.75 -2.39
C LEU A 382 0.29 -35.43 -0.96
N PHE A 383 -0.82 -34.69 -0.82
CA PHE A 383 -1.22 -34.15 0.48
C PHE A 383 -2.12 -35.09 1.25
N GLY A 384 -2.70 -36.07 0.56
CA GLY A 384 -3.74 -36.90 1.13
C GLY A 384 -5.06 -36.14 1.11
N PRO A 385 -6.13 -36.76 1.60
CA PRO A 385 -7.42 -36.07 1.68
C PRO A 385 -7.37 -34.88 2.64
N PRO A 386 -8.26 -33.89 2.44
CA PRO A 386 -8.25 -32.75 3.37
C PRO A 386 -8.48 -33.22 4.80
N VAL A 387 -7.90 -32.51 5.77
CA VAL A 387 -8.18 -32.80 7.18
C VAL A 387 -9.44 -32.08 7.63
N ALA A 388 -9.86 -31.07 6.86
CA ALA A 388 -11.11 -30.36 7.11
C ALA A 388 -11.65 -29.75 5.82
N SER A 389 -12.96 -29.85 5.62
CA SER A 389 -13.61 -29.31 4.43
C SER A 389 -14.82 -28.50 4.84
N PHE A 390 -15.02 -27.38 4.16
CA PHE A 390 -16.11 -26.48 4.47
C PHE A 390 -16.85 -26.11 3.19
N SER A 391 -18.18 -26.13 3.27
CA SER A 391 -19.01 -25.82 2.11
C SER A 391 -20.26 -25.09 2.57
N MET B 23 0.88 -6.39 -23.73
CA MET B 23 0.28 -5.17 -24.23
C MET B 23 1.25 -3.99 -24.13
N LYS B 24 1.13 -3.04 -25.05
CA LYS B 24 2.02 -1.88 -25.08
C LYS B 24 1.28 -0.58 -25.37
N ILE B 25 1.75 0.53 -24.81
CA ILE B 25 1.25 1.84 -25.18
C ILE B 25 1.66 2.19 -26.60
N ALA B 26 0.70 2.53 -27.46
CA ALA B 26 1.00 2.91 -28.84
C ALA B 26 0.94 4.41 -29.04
N GLU B 27 0.00 5.07 -28.36
CA GLU B 27 -0.19 6.51 -28.50
C GLU B 27 -0.53 7.15 -27.17
N ILE B 28 -0.11 8.41 -26.99
CA ILE B 28 -0.54 9.20 -25.85
C ILE B 28 -0.99 10.56 -26.36
N HIS B 29 -2.18 10.98 -25.96
CA HIS B 29 -2.75 12.23 -26.41
C HIS B 29 -3.07 13.14 -25.24
N VAL B 30 -2.62 14.40 -25.32
CA VAL B 30 -2.82 15.37 -24.24
C VAL B 30 -3.80 16.46 -24.70
N TYR B 31 -4.80 16.75 -23.87
CA TYR B 31 -5.87 17.69 -24.24
C TYR B 31 -5.97 18.83 -23.24
N ALA B 32 -6.25 20.03 -23.75
CA ALA B 32 -6.61 21.18 -22.92
C ALA B 32 -8.12 21.43 -23.03
N HIS B 33 -8.79 21.66 -21.90
CA HIS B 33 -10.24 21.86 -21.88
C HIS B 33 -10.67 22.82 -20.77
N ASP B 34 -11.60 23.72 -21.04
CA ASP B 34 -12.03 24.72 -20.05
C ASP B 34 -13.29 24.33 -19.25
N LEU B 35 -13.35 24.73 -17.98
CA LEU B 35 -14.50 24.46 -17.09
C LEU B 35 -14.86 25.67 -16.22
N PRO B 36 -15.75 26.56 -16.71
CA PRO B 36 -16.09 27.73 -15.89
C PRO B 36 -16.98 27.42 -14.66
N VAL B 37 -16.76 28.13 -13.56
CA VAL B 37 -17.49 27.85 -12.31
C VAL B 37 -18.90 28.44 -12.27
N LYS B 38 -19.90 27.57 -12.20
CA LYS B 38 -21.28 28.02 -12.08
C LYS B 38 -21.45 28.80 -10.79
N ASP B 39 -22.06 29.98 -10.90
CA ASP B 39 -22.27 30.86 -9.75
C ASP B 39 -20.96 31.20 -9.04
N GLY B 40 -19.90 31.38 -9.83
CA GLY B 40 -18.60 31.71 -9.29
C GLY B 40 -18.53 33.14 -8.79
N PRO B 41 -17.40 33.51 -8.17
CA PRO B 41 -16.24 32.62 -8.04
C PRO B 41 -16.30 31.72 -6.80
N TYR B 42 -15.37 30.78 -6.73
CA TYR B 42 -15.19 29.93 -5.55
C TYR B 42 -13.96 30.42 -4.80
N THR B 43 -14.15 30.82 -3.55
CA THR B 43 -13.09 31.49 -2.80
C THR B 43 -12.45 30.62 -1.72
N ILE B 44 -11.18 30.28 -1.95
CA ILE B 44 -10.33 29.61 -0.99
C ILE B 44 -9.34 30.66 -0.53
N ALA B 45 -8.92 30.59 0.74
CA ALA B 45 -8.06 31.63 1.29
C ALA B 45 -6.74 31.74 0.50
N SER B 46 -6.37 30.65 -0.15
CA SER B 46 -5.16 30.61 -0.96
C SER B 46 -5.42 30.71 -2.47
N SER B 47 -6.69 30.66 -2.87
CA SER B 47 -7.01 30.70 -4.31
C SER B 47 -8.46 31.07 -4.61
N THR B 48 -8.66 32.16 -5.36
CA THR B 48 -9.98 32.54 -5.86
C THR B 48 -10.04 32.30 -7.37
N VAL B 49 -11.04 31.54 -7.82
CA VAL B 49 -11.12 31.13 -9.22
C VAL B 49 -12.49 31.41 -9.88
N TRP B 50 -12.47 31.91 -11.11
CA TRP B 50 -13.69 32.09 -11.90
C TRP B 50 -13.83 31.04 -13.02
N SER B 51 -12.73 30.41 -13.41
CA SER B 51 -12.78 29.28 -14.35
C SER B 51 -11.53 28.39 -14.26
N LEU B 52 -11.70 27.12 -14.60
CA LEU B 52 -10.61 26.13 -14.46
C LEU B 52 -10.19 25.50 -15.80
N GLN B 53 -8.88 25.30 -15.95
CA GLN B 53 -8.34 24.64 -17.15
C GLN B 53 -7.90 23.22 -16.81
N THR B 54 -8.66 22.24 -17.28
CA THR B 54 -8.32 20.86 -17.00
C THR B 54 -7.44 20.28 -18.11
N THR B 55 -6.72 19.21 -17.79
CA THR B 55 -5.88 18.53 -18.76
C THR B 55 -6.27 17.06 -18.78
N LEU B 56 -6.62 16.56 -19.96
CA LEU B 56 -7.01 15.16 -20.13
C LEU B 56 -5.91 14.41 -20.85
N VAL B 57 -5.75 13.14 -20.51
CA VAL B 57 -4.78 12.27 -21.18
C VAL B 57 -5.49 11.03 -21.68
N LYS B 58 -5.27 10.70 -22.95
CA LYS B 58 -5.77 9.45 -23.50
C LYS B 58 -4.58 8.56 -23.85
N ILE B 59 -4.52 7.37 -23.25
CA ILE B 59 -3.51 6.38 -23.63
C ILE B 59 -4.16 5.33 -24.52
N VAL B 60 -3.58 5.09 -25.69
CA VAL B 60 -4.09 4.07 -26.61
C VAL B 60 -3.12 2.90 -26.71
N ALA B 61 -3.63 1.69 -26.47
CA ALA B 61 -2.82 0.48 -26.57
C ALA B 61 -2.66 0.07 -28.02
N ASP B 62 -1.73 -0.84 -28.27
CA ASP B 62 -1.55 -1.43 -29.59
C ASP B 62 -2.86 -2.05 -30.08
N SER B 63 -3.63 -2.61 -29.16
CA SER B 63 -4.88 -3.28 -29.49
C SER B 63 -5.95 -2.29 -29.94
N GLY B 64 -5.74 -1.01 -29.65
CA GLY B 64 -6.71 0.01 -29.97
C GLY B 64 -7.53 0.44 -28.76
N LEU B 65 -7.45 -0.33 -27.68
CA LEU B 65 -8.17 -0.02 -26.44
C LEU B 65 -7.61 1.26 -25.82
N ALA B 66 -8.47 2.10 -25.27
CA ALA B 66 -8.03 3.38 -24.70
C ALA B 66 -8.40 3.54 -23.23
N GLY B 67 -7.58 4.31 -22.52
CA GLY B 67 -7.86 4.65 -21.14
C GLY B 67 -7.73 6.15 -20.94
N TRP B 68 -8.48 6.71 -20.00
CA TRP B 68 -8.47 8.15 -19.79
C TRP B 68 -8.01 8.57 -18.41
N GLY B 69 -7.25 9.67 -18.35
CA GLY B 69 -6.85 10.30 -17.10
C GLY B 69 -7.10 11.80 -17.14
N GLU B 70 -7.01 12.46 -15.99
CA GLU B 70 -7.33 13.88 -15.88
C GLU B 70 -6.59 14.52 -14.71
N THR B 71 -6.15 15.77 -14.88
CA THR B 71 -5.60 16.54 -13.76
C THR B 71 -5.96 18.01 -13.93
N CYS B 72 -6.47 18.62 -12.86
CA CYS B 72 -7.01 19.99 -12.94
C CYS B 72 -6.72 20.79 -11.66
N PRO B 73 -5.60 21.52 -11.62
CA PRO B 73 -5.31 22.37 -10.45
C PRO B 73 -6.40 23.40 -10.25
N VAL B 74 -6.66 23.78 -9.00
CA VAL B 74 -7.75 24.70 -8.70
C VAL B 74 -7.18 26.13 -8.66
N GLY B 75 -6.82 26.62 -9.83
CA GLY B 75 -6.08 27.86 -9.93
C GLY B 75 -4.61 27.57 -9.74
N PRO B 76 -3.75 28.51 -10.14
CA PRO B 76 -2.30 28.27 -10.06
C PRO B 76 -1.68 28.56 -8.70
N THR B 77 -2.45 29.04 -7.73
CA THR B 77 -1.87 29.43 -6.44
C THR B 77 -2.20 28.49 -5.28
N TYR B 78 -3.09 27.53 -5.49
CA TYR B 78 -3.50 26.63 -4.41
C TYR B 78 -2.38 25.65 -4.01
N ALA B 79 -1.70 25.12 -5.02
CA ALA B 79 -0.67 24.10 -4.83
C ALA B 79 0.39 24.33 -5.90
N PRO B 80 1.58 23.72 -5.74
CA PRO B 80 2.65 23.92 -6.73
C PRO B 80 2.37 23.14 -8.01
N SER B 81 1.35 23.58 -8.73
CA SER B 81 0.84 22.88 -9.88
C SER B 81 -0.03 23.85 -10.66
N HIS B 82 -0.01 23.74 -11.98
CA HIS B 82 -0.83 24.60 -12.83
C HIS B 82 -1.09 23.94 -14.17
N ALA B 83 -2.09 24.40 -14.90
CA ALA B 83 -2.50 23.74 -16.14
C ALA B 83 -1.38 23.69 -17.18
N LEU B 84 -0.69 24.80 -17.39
CA LEU B 84 0.41 24.83 -18.36
C LEU B 84 1.52 23.88 -17.91
N GLY B 85 1.73 23.82 -16.59
CA GLY B 85 2.72 22.91 -16.05
C GLY B 85 2.36 21.45 -16.22
N ALA B 86 1.09 21.12 -16.06
CA ALA B 86 0.65 19.75 -16.25
C ALA B 86 0.94 19.32 -17.69
N ARG B 87 0.65 20.20 -18.64
CA ARG B 87 0.89 19.87 -20.03
C ARG B 87 2.37 19.78 -20.40
N ALA B 88 3.18 20.66 -19.81
CA ALA B 88 4.64 20.58 -19.97
C ALA B 88 5.20 19.27 -19.43
N ALA B 89 4.74 18.87 -18.25
CA ALA B 89 5.19 17.63 -17.63
C ALA B 89 4.80 16.42 -18.45
N LEU B 90 3.57 16.43 -18.97
CA LEU B 90 3.12 15.30 -19.79
C LEU B 90 3.89 15.23 -21.09
N ALA B 91 4.18 16.39 -21.70
CA ALA B 91 4.96 16.43 -22.93
C ALA B 91 6.37 15.91 -22.70
N GLU B 92 6.92 16.19 -21.53
CA GLU B 92 8.26 15.74 -21.17
C GLU B 92 8.31 14.22 -21.06
N MET B 93 7.30 13.64 -20.44
CA MET B 93 7.31 12.20 -20.17
C MET B 93 6.81 11.32 -21.30
N ALA B 94 5.84 11.82 -22.08
CA ALA B 94 5.15 10.98 -23.05
C ALA B 94 6.04 10.16 -24.04
N PRO B 95 7.03 10.81 -24.69
CA PRO B 95 7.85 10.04 -25.64
C PRO B 95 8.52 8.82 -24.99
N GLY B 96 8.88 8.96 -23.73
CA GLY B 96 9.57 7.89 -23.01
C GLY B 96 8.65 6.80 -22.51
N LEU B 97 7.35 6.97 -22.71
CA LEU B 97 6.36 6.01 -22.24
C LEU B 97 5.79 5.15 -23.36
N ILE B 98 5.99 5.56 -24.61
CA ILE B 98 5.56 4.76 -25.75
C ILE B 98 6.25 3.40 -25.70
N GLY B 99 5.47 2.32 -25.78
CA GLY B 99 6.00 0.97 -25.71
C GLY B 99 5.94 0.33 -24.33
N ALA B 100 5.67 1.14 -23.30
CA ALA B 100 5.53 0.62 -21.95
C ALA B 100 4.27 -0.23 -21.80
N ASN B 101 4.28 -1.16 -20.85
CA ASN B 101 3.09 -1.97 -20.56
C ASN B 101 2.15 -1.21 -19.64
N PRO B 102 0.95 -0.89 -20.15
CA PRO B 102 0.03 -0.06 -19.35
C PRO B 102 -0.71 -0.83 -18.26
N LEU B 103 -0.46 -2.14 -18.16
CA LEU B 103 -1.16 -2.98 -17.20
C LEU B 103 -0.35 -3.15 -15.92
N GLN B 104 0.72 -2.37 -15.78
CA GLN B 104 1.64 -2.48 -14.65
C GLN B 104 1.86 -1.11 -14.01
N PRO B 105 0.94 -0.68 -13.15
CA PRO B 105 0.94 0.71 -12.66
C PRO B 105 2.18 1.09 -11.86
N LEU B 106 2.75 0.17 -11.07
CA LEU B 106 3.95 0.50 -10.30
C LEU B 106 5.18 0.58 -11.20
N VAL B 107 5.30 -0.35 -12.14
CA VAL B 107 6.39 -0.32 -13.11
C VAL B 107 6.29 0.97 -13.94
N LEU B 108 5.07 1.32 -14.30
CA LEU B 108 4.82 2.55 -15.07
C LEU B 108 5.21 3.80 -14.28
N ARG B 109 4.90 3.81 -12.98
N ARG B 109 4.89 3.81 -12.98
CA ARG B 109 5.27 4.94 -12.14
CA ARG B 109 5.27 4.94 -12.14
C ARG B 109 6.78 5.11 -12.04
C ARG B 109 6.77 5.11 -12.04
N ARG B 110 7.50 4.00 -11.88
CA ARG B 110 8.95 4.06 -11.84
C ARG B 110 9.52 4.55 -13.17
N ARG B 111 8.91 4.15 -14.27
CA ARG B 111 9.35 4.60 -15.59
C ARG B 111 9.15 6.11 -15.70
N MET B 112 8.03 6.60 -15.19
CA MET B 112 7.79 8.05 -15.17
C MET B 112 8.84 8.77 -14.31
N ASP B 113 9.15 8.20 -13.15
CA ASP B 113 10.17 8.78 -12.27
C ASP B 113 11.53 8.87 -12.97
N GLY B 114 11.79 7.96 -13.91
CA GLY B 114 13.03 7.95 -14.65
C GLY B 114 13.08 9.00 -15.75
N LEU B 115 11.94 9.65 -15.98
CA LEU B 115 11.82 10.66 -17.03
C LEU B 115 11.65 12.07 -16.48
N LEU B 116 11.10 12.18 -15.28
CA LEU B 116 10.80 13.48 -14.67
C LEU B 116 10.69 13.35 -13.17
N CYS B 117 11.45 14.16 -12.44
CA CYS B 117 11.35 14.20 -10.98
C CYS B 117 10.14 15.00 -10.52
N GLY B 118 9.43 14.49 -9.53
CA GLY B 118 8.30 15.20 -8.95
C GLY B 118 7.11 15.23 -9.90
N HIS B 119 6.37 16.35 -9.88
CA HIS B 119 5.22 16.55 -10.78
C HIS B 119 4.19 15.43 -10.62
N ASN B 120 3.90 15.07 -9.37
CA ASN B 120 2.91 14.03 -9.10
C ASN B 120 1.59 14.29 -9.81
N TYR B 121 1.17 15.55 -9.85
CA TYR B 121 -0.13 15.89 -10.42
C TYR B 121 -0.25 15.50 -11.89
N ALA B 122 0.88 15.49 -12.60
CA ALA B 122 0.88 15.12 -14.01
C ALA B 122 1.00 13.61 -14.14
N LYS B 123 1.90 13.03 -13.36
CA LYS B 123 2.04 11.57 -13.31
C LYS B 123 0.71 10.87 -12.99
N ALA B 124 -0.09 11.48 -12.11
CA ALA B 124 -1.37 10.90 -11.73
C ALA B 124 -2.31 10.70 -12.91
N ALA B 125 -2.23 11.60 -13.89
CA ALA B 125 -3.11 11.49 -15.06
C ALA B 125 -2.77 10.23 -15.87
N ILE B 126 -1.48 9.92 -16.01
CA ILE B 126 -1.05 8.71 -16.68
C ILE B 126 -1.45 7.47 -15.89
N ASP B 127 -1.23 7.52 -14.58
CA ASP B 127 -1.61 6.44 -13.67
C ASP B 127 -3.10 6.12 -13.81
N ILE B 128 -3.94 7.16 -13.78
CA ILE B 128 -5.38 6.94 -13.86
C ILE B 128 -5.79 6.32 -15.19
N ALA B 129 -5.21 6.81 -16.28
CA ALA B 129 -5.50 6.27 -17.61
C ALA B 129 -5.09 4.80 -17.71
N ALA B 130 -3.97 4.44 -17.09
CA ALA B 130 -3.53 3.05 -17.06
C ALA B 130 -4.53 2.16 -16.31
N TYR B 131 -5.00 2.61 -15.15
CA TYR B 131 -6.00 1.82 -14.41
C TYR B 131 -7.30 1.67 -15.19
N ASP B 132 -7.72 2.74 -15.88
CA ASP B 132 -8.91 2.69 -16.73
C ASP B 132 -8.73 1.62 -17.80
N LEU B 133 -7.58 1.64 -18.45
CA LEU B 133 -7.24 0.68 -19.49
C LEU B 133 -7.21 -0.75 -18.94
N MET B 134 -6.57 -0.95 -17.79
CA MET B 134 -6.53 -2.26 -17.14
C MET B 134 -7.93 -2.80 -16.87
N GLY B 135 -8.79 -1.94 -16.31
CA GLY B 135 -10.13 -2.37 -15.98
C GLY B 135 -10.90 -2.77 -17.23
N LYS B 136 -10.77 -1.98 -18.29
CA LYS B 136 -11.44 -2.31 -19.54
C LYS B 136 -10.93 -3.61 -20.13
N HIS B 137 -9.63 -3.84 -20.02
CA HIS B 137 -9.01 -5.02 -20.62
C HIS B 137 -9.43 -6.30 -19.91
N TYR B 138 -9.48 -6.25 -18.59
CA TYR B 138 -9.81 -7.42 -17.78
C TYR B 138 -11.31 -7.56 -17.53
N GLY B 139 -12.07 -6.49 -17.78
CA GLY B 139 -13.50 -6.49 -17.53
C GLY B 139 -13.81 -6.34 -16.05
N VAL B 140 -13.08 -5.44 -15.40
N VAL B 140 -13.07 -5.43 -15.40
CA VAL B 140 -13.18 -5.27 -13.96
CA VAL B 140 -13.10 -5.25 -13.95
C VAL B 140 -13.25 -3.79 -13.61
C VAL B 140 -13.25 -3.78 -13.62
N ARG B 141 -14.00 -3.45 -12.56
CA ARG B 141 -14.06 -2.07 -12.09
C ARG B 141 -12.74 -1.68 -11.42
N VAL B 142 -12.34 -0.43 -11.60
CA VAL B 142 -11.09 0.06 -11.01
C VAL B 142 -11.05 -0.17 -9.48
N ALA B 143 -12.16 0.07 -8.79
CA ALA B 143 -12.17 -0.18 -7.35
C ALA B 143 -11.81 -1.62 -7.00
N ASP B 144 -12.21 -2.57 -7.83
CA ASP B 144 -11.89 -3.97 -7.58
C ASP B 144 -10.42 -4.28 -7.84
N LEU B 145 -9.77 -3.50 -8.70
CA LEU B 145 -8.33 -3.64 -8.93
C LEU B 145 -7.53 -3.07 -7.77
N LEU B 146 -8.19 -2.28 -6.93
CA LEU B 146 -7.52 -1.59 -5.85
C LEU B 146 -7.82 -2.26 -4.51
N GLY B 147 -8.44 -3.44 -4.54
CA GLY B 147 -8.70 -4.16 -3.30
C GLY B 147 -10.14 -4.59 -3.11
N GLY B 148 -11.06 -3.88 -3.77
CA GLY B 148 -12.45 -4.29 -3.75
C GLY B 148 -13.42 -3.21 -3.32
N VAL B 149 -14.59 -3.23 -3.94
CA VAL B 149 -15.69 -2.34 -3.56
C VAL B 149 -16.20 -2.66 -2.17
N ALA B 150 -16.00 -1.74 -1.24
CA ALA B 150 -16.49 -1.86 0.12
C ALA B 150 -17.88 -1.25 0.23
N ALA B 151 -18.18 -0.31 -0.67
CA ALA B 151 -19.47 0.36 -0.71
C ALA B 151 -19.79 0.83 -2.12
N GLU B 152 -21.00 0.53 -2.58
CA GLU B 152 -21.45 0.96 -3.91
C GLU B 152 -21.74 2.46 -3.96
N ARG B 153 -22.14 3.02 -2.82
CA ARG B 153 -22.43 4.45 -2.72
C ARG B 153 -21.56 5.02 -1.62
N VAL B 154 -20.83 6.09 -1.94
CA VAL B 154 -19.92 6.67 -0.95
C VAL B 154 -20.43 8.03 -0.49
N PRO B 155 -20.10 8.40 0.75
CA PRO B 155 -20.47 9.75 1.20
C PRO B 155 -19.69 10.82 0.46
N SER B 156 -20.28 12.01 0.31
CA SER B 156 -19.52 13.18 -0.13
C SER B 156 -19.54 14.21 1.01
N TYR B 157 -18.92 15.35 0.78
CA TYR B 157 -19.04 16.45 1.73
C TYR B 157 -19.12 17.76 0.95
N TYR B 158 -19.76 18.76 1.53
CA TYR B 158 -19.91 20.03 0.87
C TYR B 158 -18.92 21.02 1.46
N ALA B 159 -18.16 21.68 0.61
CA ALA B 159 -17.18 22.66 1.06
C ALA B 159 -17.69 24.06 0.76
N THR B 160 -17.93 24.86 1.80
CA THR B 160 -18.42 26.21 1.58
C THR B 160 -17.31 27.16 1.20
N GLY B 161 -17.64 28.20 0.45
CA GLY B 161 -16.69 29.25 0.16
C GLY B 161 -16.56 30.17 1.35
N ILE B 162 -15.63 31.10 1.30
CA ILE B 162 -15.52 32.10 2.36
C ILE B 162 -16.59 33.16 2.12
N GLY B 163 -17.30 33.57 3.17
CA GLY B 163 -18.36 34.55 3.04
C GLY B 163 -18.89 35.06 4.38
N GLN B 164 -20.01 35.78 4.35
CA GLN B 164 -20.64 36.29 5.56
C GLN B 164 -21.09 35.15 6.45
N PRO B 165 -20.85 35.25 7.76
CA PRO B 165 -21.21 34.19 8.72
C PRO B 165 -22.65 33.66 8.59
N ASP B 166 -23.63 34.55 8.55
N ASP B 166 -23.65 34.53 8.55
CA ASP B 166 -25.03 34.14 8.44
CA ASP B 166 -25.02 34.07 8.46
C ASP B 166 -25.36 33.47 7.12
C ASP B 166 -25.39 33.47 7.11
N GLU B 167 -24.75 33.95 6.04
CA GLU B 167 -24.96 33.36 4.71
C GLU B 167 -24.39 31.96 4.64
N ILE B 168 -23.19 31.78 5.19
CA ILE B 168 -22.57 30.46 5.22
C ILE B 168 -23.38 29.50 6.09
N ALA B 169 -23.90 29.99 7.21
CA ALA B 169 -24.76 29.18 8.08
C ALA B 169 -26.03 28.73 7.35
N ARG B 170 -26.63 29.63 6.57
CA ARG B 170 -27.82 29.28 5.77
C ARG B 170 -27.50 28.19 4.75
N ILE B 171 -26.41 28.37 4.02
CA ILE B 171 -25.98 27.38 3.03
C ILE B 171 -25.70 26.04 3.70
N ALA B 172 -25.04 26.08 4.85
CA ALA B 172 -24.75 24.85 5.59
C ALA B 172 -26.03 24.09 5.91
N ALA B 173 -27.04 24.80 6.39
CA ALA B 173 -28.32 24.20 6.73
C ALA B 173 -28.98 23.57 5.50
N GLU B 174 -28.89 24.27 4.37
N GLU B 174 -28.89 24.26 4.37
CA GLU B 174 -29.45 23.81 3.11
CA GLU B 174 -29.48 23.75 3.13
C GLU B 174 -28.81 22.49 2.66
C GLU B 174 -28.80 22.47 2.67
N LYS B 175 -27.48 22.43 2.75
CA LYS B 175 -26.73 21.25 2.32
C LYS B 175 -26.95 20.03 3.21
N VAL B 176 -27.10 20.26 4.52
CA VAL B 176 -27.52 19.20 5.42
C VAL B 176 -28.91 18.65 5.03
N ALA B 177 -29.85 19.55 4.74
CA ALA B 177 -31.18 19.13 4.29
C ALA B 177 -31.14 18.35 2.97
N GLU B 178 -30.14 18.63 2.14
CA GLU B 178 -29.96 17.86 0.90
C GLU B 178 -29.41 16.47 1.16
N GLY B 179 -28.79 16.28 2.32
CA GLY B 179 -28.28 14.97 2.69
C GLY B 179 -26.79 14.80 2.87
N PHE B 180 -26.01 15.87 2.69
CA PHE B 180 -24.57 15.80 2.94
C PHE B 180 -24.33 15.42 4.39
N PRO B 181 -23.54 14.37 4.63
CA PRO B 181 -23.23 13.90 5.99
C PRO B 181 -22.10 14.67 6.66
N ARG B 182 -21.42 15.54 5.90
CA ARG B 182 -20.28 16.28 6.43
C ARG B 182 -20.19 17.60 5.68
N LEU B 183 -19.77 18.64 6.39
CA LEU B 183 -19.54 19.97 5.81
C LEU B 183 -18.12 20.40 6.10
N GLN B 184 -17.50 21.09 5.14
CA GLN B 184 -16.21 21.70 5.36
C GLN B 184 -16.39 23.20 5.20
N ILE B 185 -16.08 23.95 6.25
CA ILE B 185 -16.19 25.42 6.24
C ILE B 185 -14.84 26.03 5.96
N LYS B 186 -14.70 26.72 4.84
CA LYS B 186 -13.43 27.39 4.52
C LYS B 186 -13.32 28.70 5.29
N ILE B 187 -12.13 28.95 5.84
CA ILE B 187 -11.88 30.17 6.61
C ILE B 187 -10.52 30.78 6.26
N GLY B 188 -10.24 31.96 6.80
CA GLY B 188 -8.93 32.58 6.67
C GLY B 188 -8.89 33.75 5.71
N GLY B 189 -7.76 34.45 5.67
CA GLY B 189 -7.60 35.57 4.76
C GLY B 189 -8.33 36.84 5.21
N ARG B 190 -8.72 36.86 6.49
CA ARG B 190 -9.44 37.98 7.08
C ARG B 190 -9.29 37.82 8.59
N PRO B 191 -9.73 38.82 9.37
CA PRO B 191 -9.64 38.68 10.84
C PRO B 191 -10.31 37.41 11.36
N VAL B 192 -9.62 36.68 12.22
CA VAL B 192 -10.09 35.36 12.64
C VAL B 192 -11.42 35.43 13.43
N GLU B 193 -11.73 36.58 14.03
CA GLU B 193 -13.02 36.67 14.73
C GLU B 193 -14.19 36.41 13.78
N ILE B 194 -14.03 36.77 12.50
CA ILE B 194 -15.09 36.51 11.52
C ILE B 194 -15.19 35.01 11.23
N ASP B 195 -14.04 34.33 11.16
CA ASP B 195 -14.03 32.88 10.99
C ASP B 195 -14.72 32.19 12.16
N ILE B 196 -14.43 32.67 13.37
CA ILE B 196 -15.00 32.08 14.57
C ILE B 196 -16.51 32.29 14.63
N GLU B 197 -16.96 33.50 14.26
CA GLU B 197 -18.39 33.77 14.18
C GLU B 197 -19.05 32.84 13.16
N THR B 198 -18.38 32.60 12.04
CA THR B 198 -18.90 31.69 11.01
C THR B 198 -19.06 30.28 11.56
N VAL B 199 -18.03 29.78 12.22
CA VAL B 199 -18.06 28.45 12.79
C VAL B 199 -19.21 28.32 13.81
N ARG B 200 -19.36 29.32 14.67
N ARG B 200 -19.34 29.31 14.68
CA ARG B 200 -20.41 29.31 15.69
CA ARG B 200 -20.40 29.31 15.71
C ARG B 200 -21.80 29.34 15.09
C ARG B 200 -21.80 29.34 15.10
N LYS B 201 -22.00 30.16 14.07
CA LYS B 201 -23.31 30.27 13.42
C LYS B 201 -23.65 29.00 12.61
N VAL B 202 -22.66 28.42 11.95
CA VAL B 202 -22.87 27.14 11.29
C VAL B 202 -23.27 26.06 12.31
N TRP B 203 -22.55 26.00 13.43
CA TRP B 203 -22.84 24.99 14.44
C TRP B 203 -24.24 25.15 15.01
N GLU B 204 -24.67 26.39 15.24
CA GLU B 204 -26.01 26.65 15.75
C GLU B 204 -27.06 26.02 14.84
N ARG B 205 -26.81 26.01 13.54
CA ARG B 205 -27.81 25.49 12.60
C ARG B 205 -27.72 23.98 12.35
N ILE B 206 -26.55 23.38 12.53
CA ILE B 206 -26.39 21.96 12.20
C ILE B 206 -26.24 21.04 13.40
N ARG B 207 -26.10 21.61 14.59
CA ARG B 207 -26.01 20.80 15.81
C ARG B 207 -27.24 19.92 15.97
N GLY B 208 -27.02 18.67 16.36
CA GLY B 208 -28.11 17.73 16.57
C GLY B 208 -28.57 17.02 15.32
N THR B 209 -27.89 17.27 14.19
CA THR B 209 -28.26 16.62 12.94
C THR B 209 -27.32 15.46 12.61
N GLY B 210 -26.30 15.27 13.44
CA GLY B 210 -25.33 14.20 13.23
C GLY B 210 -24.36 14.51 12.11
N THR B 211 -24.40 15.73 11.61
CA THR B 211 -23.50 16.16 10.54
C THR B 211 -22.08 16.40 11.05
N ARG B 212 -21.09 15.81 10.38
CA ARG B 212 -19.70 16.02 10.77
C ARG B 212 -19.20 17.36 10.25
N LEU B 213 -18.27 17.96 10.99
CA LEU B 213 -17.80 19.30 10.65
C LEU B 213 -16.28 19.36 10.52
N ALA B 214 -15.81 19.96 9.44
CA ALA B 214 -14.40 20.31 9.29
C ALA B 214 -14.28 21.80 9.04
N VAL B 215 -13.21 22.39 9.55
CA VAL B 215 -12.91 23.80 9.32
C VAL B 215 -11.54 23.88 8.66
N ASP B 216 -11.50 24.42 7.45
CA ASP B 216 -10.28 24.36 6.61
C ASP B 216 -9.65 25.73 6.49
N GLY B 217 -8.47 25.89 7.08
CA GLY B 217 -7.74 27.14 7.02
C GLY B 217 -6.97 27.37 5.72
N ASN B 218 -6.87 26.32 4.90
CA ASN B 218 -6.14 26.38 3.64
C ASN B 218 -4.80 27.11 3.71
N ARG B 219 -3.99 26.72 4.69
CA ARG B 219 -2.61 27.22 4.85
C ARG B 219 -2.52 28.66 5.34
N SER B 220 -3.63 29.25 5.74
CA SER B 220 -3.67 30.72 5.88
C SER B 220 -3.59 31.29 7.30
N LEU B 221 -3.70 30.44 8.31
CA LEU B 221 -3.72 30.93 9.69
C LEU B 221 -2.34 30.90 10.30
N PRO B 222 -1.88 32.04 10.84
CA PRO B 222 -0.71 31.95 11.70
C PRO B 222 -1.06 31.09 12.93
N SER B 223 -0.07 30.47 13.55
CA SER B 223 -0.33 29.66 14.74
C SER B 223 -1.12 30.43 15.82
N ARG B 224 -0.85 31.72 15.99
CA ARG B 224 -1.65 32.59 16.86
C ARG B 224 -3.15 32.37 16.70
N ASP B 225 -3.60 32.31 15.45
CA ASP B 225 -5.03 32.25 15.17
C ASP B 225 -5.59 30.83 15.20
N ALA B 226 -4.77 29.85 14.82
CA ALA B 226 -5.18 28.44 14.95
C ALA B 226 -5.40 28.08 16.41
N LEU B 227 -4.46 28.50 17.28
CA LEU B 227 -4.61 28.32 18.72
C LEU B 227 -5.89 28.95 19.24
N ARG B 228 -6.17 30.18 18.81
CA ARG B 228 -7.38 30.89 19.26
C ARG B 228 -8.67 30.20 18.84
N LEU B 229 -8.75 29.79 17.57
CA LEU B 229 -9.95 29.13 17.07
C LEU B 229 -10.29 27.88 17.89
N SER B 230 -9.29 27.04 18.16
CA SER B 230 -9.54 25.82 18.93
C SER B 230 -9.85 26.14 20.40
N ARG B 231 -9.06 27.01 21.00
CA ARG B 231 -9.22 27.38 22.41
C ARG B 231 -10.61 27.94 22.73
N GLU B 232 -11.15 28.74 21.81
CA GLU B 232 -12.43 29.39 22.03
C GLU B 232 -13.64 28.48 21.81
N CYS B 233 -13.44 27.36 21.11
CA CYS B 233 -14.58 26.55 20.68
C CYS B 233 -14.50 25.06 21.06
N PRO B 234 -14.19 24.74 22.33
CA PRO B 234 -14.09 23.32 22.65
C PRO B 234 -15.40 22.55 22.49
N GLU B 235 -16.53 23.24 22.61
CA GLU B 235 -17.84 22.61 22.49
C GLU B 235 -18.30 22.37 21.04
N ILE B 236 -17.54 22.88 20.07
CA ILE B 236 -17.88 22.70 18.65
C ILE B 236 -16.98 21.63 18.05
N PRO B 237 -17.59 20.54 17.54
CA PRO B 237 -16.78 19.37 17.18
C PRO B 237 -16.23 19.38 15.76
N PHE B 238 -15.42 20.38 15.45
CA PHE B 238 -14.76 20.36 14.15
C PHE B 238 -13.42 19.65 14.23
N VAL B 239 -12.95 19.19 13.09
CA VAL B 239 -11.52 18.93 12.93
C VAL B 239 -10.95 20.16 12.23
N LEU B 240 -9.72 20.49 12.58
CA LEU B 240 -9.06 21.66 12.00
C LEU B 240 -8.17 21.18 10.87
N GLU B 241 -8.56 21.50 9.64
CA GLU B 241 -7.85 21.00 8.46
C GLU B 241 -6.86 22.04 7.97
N GLN B 242 -5.61 21.60 7.77
CA GLN B 242 -4.49 22.44 7.30
C GLN B 242 -4.57 23.89 7.78
N PRO B 243 -4.56 24.10 9.10
CA PRO B 243 -4.75 25.47 9.59
C PRO B 243 -3.60 26.38 9.19
N CYS B 244 -2.39 25.83 9.25
CA CYS B 244 -1.18 26.59 9.03
C CYS B 244 -0.51 26.16 7.73
N ASN B 245 0.40 26.99 7.22
CA ASN B 245 1.04 26.75 5.92
C ASN B 245 1.94 25.51 5.90
N THR B 246 2.83 25.41 6.87
CA THR B 246 3.80 24.30 6.87
C THR B 246 3.47 23.22 7.88
N LEU B 247 3.91 21.99 7.59
CA LEU B 247 3.80 20.89 8.54
C LEU B 247 4.58 21.22 9.81
N GLU B 248 5.66 21.98 9.68
CA GLU B 248 6.44 22.36 10.86
C GLU B 248 5.62 23.20 11.84
N GLU B 249 4.83 24.13 11.32
CA GLU B 249 3.96 24.94 12.18
C GLU B 249 2.89 24.08 12.84
N ILE B 250 2.28 23.19 12.05
CA ILE B 250 1.26 22.28 12.59
C ILE B 250 1.84 21.39 13.69
N ALA B 251 3.03 20.85 13.49
CA ALA B 251 3.67 20.01 14.50
C ALA B 251 3.93 20.80 15.79
N ALA B 252 4.25 22.08 15.64
CA ALA B 252 4.55 22.91 16.81
C ALA B 252 3.31 23.22 17.65
N ILE B 253 2.15 23.34 17.01
CA ILE B 253 0.92 23.73 17.72
C ILE B 253 0.09 22.55 18.22
N ARG B 254 0.33 21.37 17.66
CA ARG B 254 -0.55 20.22 17.89
C ARG B 254 -0.83 19.87 19.35
N GLY B 255 0.20 19.90 20.19
CA GLY B 255 0.03 19.58 21.60
C GLY B 255 -0.84 20.57 22.36
N ARG B 256 -0.98 21.78 21.82
CA ARG B 256 -1.75 22.82 22.49
C ARG B 256 -3.16 22.99 21.90
N VAL B 257 -3.51 22.11 20.95
CA VAL B 257 -4.80 22.18 20.26
C VAL B 257 -5.59 20.90 20.53
N GLN B 258 -6.76 21.04 21.16
CA GLN B 258 -7.50 19.85 21.59
C GLN B 258 -8.53 19.35 20.57
N HIS B 259 -8.67 20.04 19.45
CA HIS B 259 -9.42 19.52 18.31
C HIS B 259 -8.50 18.69 17.43
N GLY B 260 -9.05 17.64 16.83
CA GLY B 260 -8.29 16.87 15.86
C GLY B 260 -7.79 17.77 14.75
N ILE B 261 -6.57 17.50 14.28
CA ILE B 261 -5.98 18.26 13.17
C ILE B 261 -5.76 17.35 11.96
N TYR B 262 -6.24 17.78 10.80
CA TYR B 262 -6.04 17.03 9.55
C TYR B 262 -5.03 17.74 8.67
N LEU B 263 -4.22 16.97 7.93
CA LEU B 263 -3.35 17.55 6.91
C LEU B 263 -4.05 17.49 5.55
N ASP B 264 -3.85 18.51 4.71
CA ASP B 264 -4.30 18.48 3.32
C ASP B 264 -3.09 18.80 2.46
N GLU B 265 -2.87 20.09 2.19
CA GLU B 265 -1.74 20.51 1.35
C GLU B 265 -0.37 19.96 1.76
N SER B 266 -0.15 19.73 3.06
CA SER B 266 1.14 19.22 3.51
C SER B 266 1.39 17.77 3.10
N GLY B 267 0.31 17.03 2.82
CA GLY B 267 0.43 15.62 2.45
C GLY B 267 0.84 15.45 1.00
N GLU B 268 2.09 15.80 0.70
CA GLU B 268 2.57 15.91 -0.68
C GLU B 268 3.02 14.59 -1.30
N ASP B 269 3.32 13.60 -0.45
CA ASP B 269 3.79 12.31 -0.95
C ASP B 269 3.67 11.26 0.12
N LEU B 270 3.88 10.01 -0.25
CA LEU B 270 3.74 8.91 0.72
C LEU B 270 4.74 9.03 1.86
N SER B 271 5.96 9.49 1.57
CA SER B 271 6.96 9.72 2.62
C SER B 271 6.46 10.67 3.70
N THR B 272 5.78 11.75 3.29
CA THR B 272 5.26 12.70 4.27
C THR B 272 4.13 12.09 5.10
N VAL B 273 3.30 11.28 4.46
CA VAL B 273 2.23 10.57 5.16
C VAL B 273 2.83 9.61 6.20
N ILE B 274 3.91 8.94 5.82
CA ILE B 274 4.61 8.05 6.76
C ILE B 274 5.16 8.79 7.98
N ARG B 275 5.74 9.98 7.77
CA ARG B 275 6.19 10.82 8.87
C ARG B 275 5.03 11.20 9.78
N ALA B 276 3.95 11.67 9.17
CA ALA B 276 2.81 12.17 9.93
C ALA B 276 2.14 11.06 10.73
N ALA B 277 1.95 9.90 10.11
CA ALA B 277 1.31 8.79 10.83
C ALA B 277 2.24 8.20 11.88
N GLY B 278 3.51 8.03 11.51
CA GLY B 278 4.45 7.36 12.39
C GLY B 278 4.87 8.19 13.58
N GLN B 279 4.82 9.52 13.44
CA GLN B 279 5.19 10.41 14.54
C GLN B 279 3.96 11.00 15.22
N GLY B 280 2.78 10.60 14.77
CA GLY B 280 1.54 11.07 15.38
C GLY B 280 1.32 12.57 15.23
N LEU B 281 1.55 13.09 14.03
CA LEU B 281 1.49 14.55 13.81
C LEU B 281 0.11 15.02 13.41
N CYS B 282 -0.81 14.11 13.07
CA CYS B 282 -2.16 14.52 12.71
C CYS B 282 -3.15 13.43 13.05
N ASP B 283 -4.43 13.77 12.92
CA ASP B 283 -5.51 12.84 13.28
C ASP B 283 -6.32 12.42 12.05
N GLY B 284 -5.87 12.83 10.86
CA GLY B 284 -6.56 12.47 9.65
C GLY B 284 -6.10 13.30 8.48
N PHE B 285 -6.72 13.10 7.32
CA PHE B 285 -6.26 13.76 6.10
C PHE B 285 -7.41 14.16 5.18
N GLY B 286 -7.24 15.29 4.52
CA GLY B 286 -7.97 15.56 3.30
C GLY B 286 -6.97 15.25 2.18
N MET B 287 -7.14 14.15 1.47
CA MET B 287 -6.09 13.74 0.53
C MET B 287 -6.55 13.85 -0.91
N LYS B 288 -5.72 14.49 -1.73
CA LYS B 288 -6.00 14.67 -3.16
C LYS B 288 -5.22 13.68 -4.00
N LEU B 289 -5.94 12.99 -4.88
CA LEU B 289 -5.40 11.91 -5.69
C LEU B 289 -4.24 12.38 -6.57
N THR B 290 -4.39 13.52 -7.23
CA THR B 290 -3.32 14.01 -8.09
C THR B 290 -2.06 14.40 -7.30
N ARG B 291 -2.25 14.96 -6.11
CA ARG B 291 -1.11 15.37 -5.29
C ARG B 291 -0.25 14.19 -4.88
N ILE B 292 -0.88 13.07 -4.51
CA ILE B 292 -0.13 11.92 -4.03
C ILE B 292 0.50 11.13 -5.19
N GLY B 293 0.02 11.39 -6.41
CA GLY B 293 0.64 10.82 -7.60
C GLY B 293 -0.15 9.73 -8.31
N GLY B 294 -1.41 9.55 -7.92
CA GLY B 294 -2.26 8.60 -8.62
C GLY B 294 -2.78 7.49 -7.75
N LEU B 295 -3.50 6.55 -8.38
CA LEU B 295 -4.18 5.48 -7.67
C LEU B 295 -3.24 4.47 -7.01
N GLN B 296 -2.10 4.17 -7.64
CA GLN B 296 -1.16 3.22 -7.04
C GLN B 296 -0.69 3.73 -5.67
N GLN B 297 -0.34 5.01 -5.61
CA GLN B 297 0.12 5.60 -4.36
C GLN B 297 -1.04 5.83 -3.39
N MET B 298 -2.20 6.18 -3.94
CA MET B 298 -3.38 6.42 -3.10
C MET B 298 -3.81 5.17 -2.36
N ALA B 299 -3.68 4.01 -3.00
CA ALA B 299 -4.05 2.75 -2.34
C ALA B 299 -3.13 2.49 -1.15
N ALA B 300 -1.84 2.77 -1.33
CA ALA B 300 -0.88 2.62 -0.22
C ALA B 300 -1.21 3.58 0.92
N PHE B 301 -1.55 4.82 0.56
CA PHE B 301 -1.97 5.82 1.52
C PHE B 301 -3.18 5.33 2.31
N ARG B 302 -4.16 4.79 1.59
CA ARG B 302 -5.35 4.24 2.24
C ARG B 302 -4.99 3.16 3.25
N ASP B 303 -4.08 2.27 2.87
CA ASP B 303 -3.67 1.19 3.74
C ASP B 303 -2.92 1.68 5.01
N ILE B 304 -2.13 2.74 4.86
CA ILE B 304 -1.46 3.34 6.02
C ILE B 304 -2.49 3.92 7.00
N CYS B 305 -3.45 4.67 6.46
CA CYS B 305 -4.50 5.25 7.28
C CYS B 305 -5.35 4.19 7.98
N GLU B 306 -5.65 3.10 7.29
CA GLU B 306 -6.48 2.07 7.90
C GLU B 306 -5.76 1.38 9.05
N ALA B 307 -4.45 1.20 8.92
CA ALA B 307 -3.65 0.60 9.97
C ALA B 307 -3.63 1.43 11.25
N ARG B 308 -3.81 2.74 11.10
CA ARG B 308 -3.76 3.65 12.24
C ARG B 308 -5.09 4.34 12.55
N ALA B 309 -6.19 3.85 11.96
CA ALA B 309 -7.52 4.45 12.17
C ALA B 309 -7.52 5.97 11.98
N LEU B 310 -6.89 6.42 10.89
CA LEU B 310 -6.86 7.83 10.55
C LEU B 310 -7.89 8.10 9.46
N PRO B 311 -9.02 8.72 9.81
CA PRO B 311 -10.04 9.00 8.79
C PRO B 311 -9.50 9.95 7.71
N HIS B 312 -9.99 9.78 6.48
CA HIS B 312 -9.56 10.64 5.40
C HIS B 312 -10.59 10.71 4.30
N SER B 313 -10.50 11.76 3.49
CA SER B 313 -11.31 11.89 2.30
C SER B 313 -10.47 11.46 1.10
N CYS B 314 -11.13 11.25 -0.04
CA CYS B 314 -10.46 10.96 -1.32
C CYS B 314 -10.99 11.99 -2.31
N ASP B 315 -10.22 13.04 -2.54
CA ASP B 315 -10.70 14.22 -3.23
C ASP B 315 -9.82 14.55 -4.41
N ASP B 316 -10.18 15.58 -5.16
CA ASP B 316 -9.15 16.27 -5.90
C ASP B 316 -9.35 17.77 -5.85
N ALA B 317 -8.46 18.51 -6.49
CA ALA B 317 -8.53 19.96 -6.49
C ALA B 317 -9.76 20.45 -7.25
N TRP B 318 -10.02 19.82 -8.40
CA TRP B 318 -11.11 20.18 -9.29
C TRP B 318 -11.14 19.15 -10.42
N GLY B 319 -12.11 19.28 -11.34
CA GLY B 319 -12.10 18.48 -12.55
C GLY B 319 -13.39 17.72 -12.80
N GLY B 320 -13.51 17.21 -14.01
CA GLY B 320 -14.73 16.56 -14.48
C GLY B 320 -14.82 15.06 -14.21
N ASP B 321 -15.58 14.37 -15.07
CA ASP B 321 -15.93 12.96 -14.87
C ASP B 321 -14.76 12.00 -14.69
N ILE B 322 -13.66 12.25 -15.39
CA ILE B 322 -12.53 11.33 -15.33
C ILE B 322 -11.84 11.33 -13.96
N ILE B 323 -11.39 12.50 -13.49
CA ILE B 323 -10.78 12.56 -12.17
C ILE B 323 -11.80 12.24 -11.07
N ALA B 324 -13.04 12.70 -11.26
CA ALA B 324 -14.09 12.42 -10.27
C ALA B 324 -14.32 10.92 -10.12
N ALA B 325 -14.35 10.21 -11.24
CA ALA B 325 -14.58 8.77 -11.20
C ALA B 325 -13.41 8.08 -10.51
N ALA B 326 -12.19 8.52 -10.80
CA ALA B 326 -11.01 7.95 -10.14
C ALA B 326 -11.09 8.12 -8.62
N CYS B 327 -11.48 9.31 -8.17
CA CYS B 327 -11.62 9.56 -6.74
C CYS B 327 -12.72 8.71 -6.11
N THR B 328 -13.80 8.52 -6.86
CA THR B 328 -14.93 7.73 -6.36
C THR B 328 -14.52 6.25 -6.25
N HIS B 329 -13.76 5.75 -7.22
CA HIS B 329 -13.33 4.35 -7.17
C HIS B 329 -12.43 4.06 -5.97
N ILE B 330 -11.43 4.90 -5.72
CA ILE B 330 -10.61 4.67 -4.52
C ILE B 330 -11.44 4.87 -3.25
N GLY B 331 -12.31 5.88 -3.26
CA GLY B 331 -13.19 6.13 -2.12
C GLY B 331 -14.07 4.93 -1.78
N ALA B 332 -14.50 4.22 -2.81
CA ALA B 332 -15.35 3.03 -2.64
C ALA B 332 -14.63 1.86 -1.98
N THR B 333 -13.30 1.92 -1.91
CA THR B 333 -12.53 0.87 -1.24
C THR B 333 -12.23 1.14 0.24
N VAL B 334 -12.54 2.34 0.70
CA VAL B 334 -12.17 2.75 2.06
C VAL B 334 -13.12 2.15 3.08
N GLN B 335 -12.58 1.74 4.23
CA GLN B 335 -13.42 1.21 5.31
C GLN B 335 -14.43 2.28 5.63
N PRO B 336 -15.73 1.94 5.61
CA PRO B 336 -16.74 2.99 5.77
C PRO B 336 -16.56 3.89 7.00
N ARG B 337 -16.16 3.33 8.15
CA ARG B 337 -15.99 4.15 9.36
C ARG B 337 -14.87 5.18 9.26
N LEU B 338 -13.98 5.01 8.27
CA LEU B 338 -12.87 5.96 8.08
C LEU B 338 -13.09 6.90 6.91
N ASN B 339 -14.20 6.75 6.20
CA ASN B 339 -14.40 7.50 4.97
C ASN B 339 -15.03 8.87 5.23
N GLU B 340 -14.21 9.91 5.14
CA GLU B 340 -14.70 11.26 5.37
C GLU B 340 -15.35 11.83 4.12
N GLY B 341 -15.35 11.06 3.03
CA GLY B 341 -16.08 11.44 1.83
C GLY B 341 -15.23 11.62 0.59
N VAL B 342 -15.91 11.71 -0.56
CA VAL B 342 -15.27 12.00 -1.83
C VAL B 342 -15.80 13.35 -2.30
N TRP B 343 -14.93 14.35 -2.40
CA TRP B 343 -15.34 15.67 -2.90
C TRP B 343 -15.13 15.71 -4.42
N VAL B 344 -16.13 16.23 -5.14
CA VAL B 344 -16.04 16.38 -6.58
C VAL B 344 -16.55 17.76 -6.99
N ALA B 345 -16.04 18.26 -8.12
CA ALA B 345 -16.42 19.58 -8.61
C ALA B 345 -17.72 19.59 -9.41
N GLN B 346 -18.34 18.42 -9.61
CA GLN B 346 -19.55 18.28 -10.43
C GLN B 346 -20.64 19.37 -10.26
N PRO B 347 -20.96 19.77 -9.01
CA PRO B 347 -22.00 20.80 -8.84
C PRO B 347 -21.65 22.15 -9.49
N TYR B 348 -20.37 22.36 -9.77
CA TYR B 348 -19.91 23.63 -10.32
C TYR B 348 -19.58 23.51 -11.80
N ILE B 349 -19.87 22.36 -12.40
CA ILE B 349 -19.50 22.12 -13.79
C ILE B 349 -20.74 21.95 -14.66
N ALA B 350 -20.83 22.77 -15.72
CA ALA B 350 -22.03 22.79 -16.55
C ALA B 350 -22.21 21.57 -17.43
N GLN B 351 -21.12 21.11 -18.04
CA GLN B 351 -21.18 20.06 -19.05
C GLN B 351 -20.38 18.81 -18.66
N PRO B 352 -21.09 17.71 -18.40
CA PRO B 352 -20.41 16.44 -18.07
C PRO B 352 -19.73 15.85 -19.30
N TYR B 353 -18.67 15.06 -19.10
CA TYR B 353 -18.04 14.39 -20.22
C TYR B 353 -18.87 13.20 -20.67
N ASP B 354 -19.61 12.61 -19.74
CA ASP B 354 -20.37 11.39 -19.98
C ASP B 354 -21.76 11.60 -19.40
N GLU B 355 -22.74 11.85 -20.27
CA GLU B 355 -24.09 12.13 -19.79
C GLU B 355 -24.87 10.89 -19.37
N GLU B 356 -24.35 9.70 -19.69
CA GLU B 356 -25.01 8.45 -19.31
C GLU B 356 -24.50 7.90 -17.99
N ASN B 357 -23.19 7.99 -17.77
CA ASN B 357 -22.57 7.36 -16.59
C ASN B 357 -21.74 8.28 -15.74
N GLY B 358 -21.71 9.58 -16.07
CA GLY B 358 -20.83 10.51 -15.38
C GLY B 358 -21.14 10.63 -13.90
N ILE B 359 -20.14 11.05 -13.13
CA ILE B 359 -20.26 11.15 -11.68
C ILE B 359 -21.19 12.29 -11.27
N ARG B 360 -22.18 11.98 -10.44
CA ARG B 360 -23.11 13.00 -9.95
C ARG B 360 -23.37 12.84 -8.47
N ILE B 361 -23.48 13.96 -7.76
CA ILE B 361 -23.86 13.90 -6.36
C ILE B 361 -25.38 13.78 -6.28
N ALA B 362 -25.86 12.83 -5.49
CA ALA B 362 -27.28 12.70 -5.24
C ALA B 362 -27.49 12.48 -3.75
N GLY B 363 -28.26 13.35 -3.11
CA GLY B 363 -28.47 13.27 -1.67
C GLY B 363 -27.18 13.34 -0.85
N GLY B 364 -26.22 14.15 -1.29
CA GLY B 364 -24.97 14.32 -0.57
C GLY B 364 -24.04 13.12 -0.62
N HIS B 365 -24.33 12.18 -1.52
CA HIS B 365 -23.53 10.97 -1.70
C HIS B 365 -23.23 10.78 -3.19
N ILE B 366 -22.34 9.83 -3.50
CA ILE B 366 -22.01 9.51 -4.89
C ILE B 366 -22.12 8.02 -5.16
N ASP B 367 -22.93 7.65 -6.16
CA ASP B 367 -23.06 6.27 -6.60
C ASP B 367 -21.87 5.92 -7.52
N LEU B 368 -21.18 4.82 -7.22
CA LEU B 368 -20.05 4.37 -8.03
C LEU B 368 -20.55 3.91 -9.40
N PRO B 369 -19.84 4.28 -10.48
CA PRO B 369 -20.24 3.76 -11.79
C PRO B 369 -20.19 2.24 -11.81
N LYS B 370 -20.99 1.59 -12.64
CA LYS B 370 -21.12 0.13 -12.59
C LYS B 370 -20.31 -0.61 -13.66
N GLY B 371 -19.84 0.11 -14.67
CA GLY B 371 -19.14 -0.53 -15.79
C GLY B 371 -17.65 -0.78 -15.54
N PRO B 372 -16.99 -1.44 -16.50
CA PRO B 372 -15.56 -1.78 -16.35
C PRO B 372 -14.68 -0.53 -16.41
N GLY B 373 -13.46 -0.64 -15.91
CA GLY B 373 -12.57 0.50 -15.83
C GLY B 373 -13.11 1.53 -14.87
N LEU B 374 -12.98 2.80 -15.22
CA LEU B 374 -13.56 3.87 -14.41
C LEU B 374 -15.07 3.92 -14.54
N GLY B 375 -15.60 3.25 -15.56
CA GLY B 375 -17.04 3.27 -15.81
C GLY B 375 -17.49 4.51 -16.54
N ILE B 376 -16.52 5.22 -17.14
CA ILE B 376 -16.76 6.50 -17.81
C ILE B 376 -16.37 6.40 -19.27
N THR B 377 -17.25 6.87 -20.15
CA THR B 377 -16.95 6.95 -21.58
C THR B 377 -17.07 8.42 -21.98
N PRO B 378 -15.94 9.14 -21.99
CA PRO B 378 -16.09 10.58 -22.29
C PRO B 378 -16.38 10.83 -23.76
N ASP B 379 -17.18 11.87 -24.00
CA ASP B 379 -17.44 12.36 -25.35
C ASP B 379 -16.18 13.12 -25.72
N GLU B 380 -15.21 12.44 -26.32
N GLU B 380 -15.23 12.42 -26.34
CA GLU B 380 -13.91 13.04 -26.56
CA GLU B 380 -13.90 12.96 -26.65
C GLU B 380 -13.94 14.22 -27.53
C GLU B 380 -13.95 14.22 -27.50
N SER B 381 -15.01 14.33 -28.30
CA SER B 381 -15.19 15.46 -29.19
C SER B 381 -15.17 16.78 -28.42
N LEU B 382 -15.78 16.77 -27.23
CA LEU B 382 -15.80 17.94 -26.34
C LEU B 382 -14.42 18.58 -26.10
N PHE B 383 -13.37 17.78 -26.20
CA PHE B 383 -12.04 18.19 -25.74
C PHE B 383 -11.24 19.00 -26.78
N GLY B 384 -11.65 18.95 -28.04
CA GLY B 384 -10.93 19.61 -29.11
C GLY B 384 -9.79 18.71 -29.56
N PRO B 385 -9.03 19.12 -30.59
CA PRO B 385 -7.90 18.27 -30.95
C PRO B 385 -6.88 18.28 -29.83
N PRO B 386 -6.06 17.23 -29.73
CA PRO B 386 -4.98 17.23 -28.73
C PRO B 386 -4.04 18.40 -28.91
N VAL B 387 -3.50 18.93 -27.81
CA VAL B 387 -2.50 19.97 -27.91
C VAL B 387 -1.14 19.32 -28.18
N ALA B 388 -1.05 18.03 -27.87
CA ALA B 388 0.14 17.25 -28.15
C ALA B 388 -0.20 15.77 -28.28
N SER B 389 0.39 15.12 -29.28
CA SER B 389 0.18 13.69 -29.50
C SER B 389 1.53 13.01 -29.66
N PHE B 390 1.65 11.79 -29.16
CA PHE B 390 2.92 11.07 -29.18
C PHE B 390 2.72 9.62 -29.61
N SER B 391 3.61 9.14 -30.48
CA SER B 391 3.58 7.74 -30.89
C SER B 391 4.96 7.25 -31.28
#